data_4YSM
#
_entry.id   4YSM
#
_cell.length_a   66.669
_cell.length_b   109.556
_cell.length_c   77.729
_cell.angle_alpha   90.000
_cell.angle_beta   92.170
_cell.angle_gamma   90.000
#
_symmetry.space_group_name_H-M   'P 1 21 1'
#
loop_
_entity.id
_entity.type
_entity.pdbx_description
1 polymer 'Calmodulin-like domain protein kinase'
2 non-polymer 'CALCIUM ION'
3 water water
#
_entity_poly.entity_id   1
_entity_poly.type   'polypeptide(L)'
_entity_poly.pdbx_seq_one_letter_code
;GPGSPAASKSDKLAATPGMFVQHSTAAFSDRYKGQRVLGKGSFGEVILCKDKVTGQEYAVKVISKRQVKQKTDKELLLKE
VELLKKLDHPNIMKLYEFFEDKGYFYLVTEVYTGGELFDEIISRKRFSEVDAARIIRQVLSGITYMHKNKIVHRDLKPEN
LLLENKRKDANIRIIDFGLSTHFESTKKMKDKIGTAYYIAPEVLHGTYDEKCDVWSTGVILYILLSGCPPFNGANEFDIL
KKVEKGKFTFDLPQWKKVSEPAKDLIRKMLAYVPTMRISARDALEHEWLKTTDAATDSIDVPSLESTILNIRQFQGTQKL
AAAALLYMGSKLTTNEETVELNKIFQRMDKNGDGQLDKQELMEGYVELMKLKGEDVSALDQSAIEFEVEQVLDAVDFDKN
GFIEYSEFVTVAMDRKTLLSRQRLERAFGMFDADGSGKISSSELATIFGVSEVDSETWRRVLAEVDRNNDGEVDFEEFRQ
MLLKLCGDTAA
;
_entity_poly.pdbx_strand_id   A,B
#
# COMPACT_ATOMS: atom_id res chain seq x y z
N ASP A 11 -11.69 -17.71 15.87
CA ASP A 11 -10.91 -18.71 15.07
C ASP A 11 -11.71 -19.10 13.82
N LYS A 12 -11.94 -18.11 12.96
CA LYS A 12 -12.83 -18.29 11.79
C LYS A 12 -12.24 -19.27 10.78
N LEU A 13 -12.95 -20.37 10.57
CA LEU A 13 -12.46 -21.45 9.70
C LEU A 13 -12.51 -20.94 8.27
N ALA A 14 -11.33 -20.74 7.70
CA ALA A 14 -11.23 -20.14 6.40
C ALA A 14 -11.20 -21.21 5.35
N ALA A 15 -12.20 -21.21 4.49
CA ALA A 15 -12.16 -22.09 3.33
C ALA A 15 -11.31 -21.44 2.24
N THR A 16 -10.30 -22.19 1.79
CA THR A 16 -9.39 -21.73 0.76
C THR A 16 -9.21 -22.83 -0.27
N PRO A 17 -8.94 -22.47 -1.52
CA PRO A 17 -8.77 -23.51 -2.52
C PRO A 17 -7.66 -24.45 -2.10
N GLY A 18 -6.62 -23.89 -1.54
CA GLY A 18 -5.43 -24.66 -1.24
C GLY A 18 -5.67 -25.73 -0.19
N MET A 19 -6.65 -25.58 0.70
CA MET A 19 -6.83 -26.57 1.77
C MET A 19 -7.23 -27.94 1.22
N PHE A 20 -7.72 -27.96 -0.02
CA PHE A 20 -8.13 -29.20 -0.62
C PHE A 20 -6.96 -30.00 -1.21
N VAL A 21 -5.81 -29.36 -1.43
CA VAL A 21 -4.76 -29.91 -2.30
C VAL A 21 -4.14 -31.21 -1.80
N GLN A 22 -3.52 -31.17 -0.63
CA GLN A 22 -2.78 -32.33 -0.10
C GLN A 22 -3.67 -33.39 0.55
N HIS A 23 -4.97 -33.14 0.52
CA HIS A 23 -5.95 -33.82 1.37
C HIS A 23 -6.19 -35.29 1.02
N SER A 24 -6.34 -35.59 -0.26
CA SER A 24 -6.43 -37.00 -0.68
C SER A 24 -5.06 -37.66 -0.45
N THR A 25 -5.05 -38.93 -0.06
CA THR A 25 -3.79 -39.69 -0.04
C THR A 25 -4.07 -41.07 -0.65
N ALA A 26 -4.77 -41.04 -1.79
CA ALA A 26 -5.16 -42.23 -2.51
C ALA A 26 -4.08 -42.58 -3.53
N ALA A 27 -4.32 -43.61 -4.33
CA ALA A 27 -3.38 -44.00 -5.36
C ALA A 27 -3.70 -43.26 -6.62
N PHE A 28 -2.69 -43.14 -7.45
CA PHE A 28 -2.83 -42.48 -8.73
C PHE A 28 -4.02 -43.09 -9.46
N SER A 29 -3.98 -44.41 -9.60
CA SER A 29 -5.02 -45.11 -10.34
C SER A 29 -6.41 -45.09 -9.71
N ASP A 30 -6.51 -44.77 -8.42
CA ASP A 30 -7.80 -44.56 -7.81
C ASP A 30 -8.54 -43.39 -8.42
N ARG A 31 -7.84 -42.42 -9.02
CA ARG A 31 -8.55 -41.30 -9.63
C ARG A 31 -8.31 -41.12 -11.11
N TYR A 32 -7.19 -41.62 -11.62
CA TYR A 32 -6.78 -41.30 -12.99
C TYR A 32 -6.47 -42.50 -13.87
N LYS A 33 -6.61 -42.24 -15.16
CA LYS A 33 -6.26 -43.15 -16.25
C LYS A 33 -5.27 -42.40 -17.18
N GLY A 34 -4.07 -42.95 -17.36
CA GLY A 34 -3.08 -42.29 -18.22
C GLY A 34 -3.46 -42.41 -19.68
N GLN A 35 -3.08 -41.41 -20.46
CA GLN A 35 -3.42 -41.34 -21.87
C GLN A 35 -2.17 -41.32 -22.73
N ARG A 36 -1.33 -40.32 -22.48
CA ARG A 36 -0.02 -40.33 -23.08
C ARG A 36 0.97 -39.54 -22.23
N VAL A 37 2.24 -39.60 -22.62
CA VAL A 37 3.27 -38.89 -21.93
C VAL A 37 3.41 -37.54 -22.56
N LEU A 38 3.55 -36.54 -21.71
CA LEU A 38 3.59 -35.16 -22.09
C LEU A 38 4.99 -34.60 -22.02
N GLY A 39 5.90 -35.38 -21.43
CA GLY A 39 7.28 -34.98 -21.20
C GLY A 39 7.89 -36.01 -20.23
N LYS A 40 9.20 -36.18 -20.30
CA LYS A 40 9.94 -36.96 -19.33
C LYS A 40 11.09 -36.05 -19.01
N GLY A 41 11.57 -36.10 -17.78
CA GLY A 41 12.76 -35.34 -17.42
C GLY A 41 13.52 -36.27 -16.53
N SER A 42 14.74 -35.89 -16.15
CA SER A 42 15.52 -36.69 -15.21
C SER A 42 14.78 -36.78 -13.87
N PHE A 43 14.18 -35.66 -13.46
CA PHE A 43 13.40 -35.59 -12.23
C PHE A 43 12.10 -36.42 -12.21
N GLY A 44 11.43 -36.54 -13.36
CA GLY A 44 10.10 -37.11 -13.41
C GLY A 44 9.41 -36.83 -14.73
N GLU A 45 8.21 -37.40 -14.91
CA GLU A 45 7.48 -37.22 -16.15
C GLU A 45 6.09 -36.62 -15.94
N VAL A 46 5.59 -35.95 -16.96
CA VAL A 46 4.24 -35.38 -16.94
C VAL A 46 3.38 -36.22 -17.85
N ILE A 47 2.27 -36.68 -17.30
CA ILE A 47 1.43 -37.65 -17.96
C ILE A 47 0.12 -36.94 -18.19
N LEU A 48 -0.47 -37.11 -19.36
CA LEU A 48 -1.81 -36.62 -19.59
C LEU A 48 -2.74 -37.66 -19.05
N CYS A 49 -3.55 -37.32 -18.05
CA CYS A 49 -4.45 -38.29 -17.49
C CYS A 49 -5.87 -37.85 -17.61
N LYS A 50 -6.75 -38.85 -17.55
CA LYS A 50 -8.15 -38.64 -17.62
C LYS A 50 -8.67 -38.99 -16.25
N ASP A 51 -9.42 -38.08 -15.64
CA ASP A 51 -10.09 -38.35 -14.40
C ASP A 51 -11.07 -39.47 -14.71
N LYS A 52 -11.06 -40.56 -13.93
CA LYS A 52 -11.93 -41.73 -14.22
C LYS A 52 -13.40 -41.38 -14.11
N VAL A 53 -13.75 -40.60 -13.10
CA VAL A 53 -15.16 -40.23 -12.85
C VAL A 53 -15.72 -39.15 -13.81
N THR A 54 -14.92 -38.12 -14.06
CA THR A 54 -15.39 -36.90 -14.70
C THR A 54 -14.98 -36.82 -16.16
N GLY A 55 -14.09 -37.71 -16.56
CA GLY A 55 -13.51 -37.67 -17.91
C GLY A 55 -12.72 -36.41 -18.23
N GLN A 56 -12.55 -35.52 -17.27
CA GLN A 56 -11.81 -34.30 -17.52
C GLN A 56 -10.33 -34.68 -17.74
N GLU A 57 -9.60 -33.79 -18.39
CA GLU A 57 -8.21 -34.08 -18.74
C GLU A 57 -7.26 -33.25 -17.90
N TYR A 58 -6.37 -33.92 -17.17
CA TYR A 58 -5.41 -33.25 -16.29
C TYR A 58 -3.98 -33.55 -16.65
N ALA A 59 -3.06 -32.77 -16.10
CA ALA A 59 -1.64 -32.99 -16.30
C ALA A 59 -1.04 -33.45 -15.01
N VAL A 60 -0.49 -34.65 -14.99
CA VAL A 60 0.02 -35.18 -13.74
C VAL A 60 1.52 -35.35 -13.83
N LYS A 61 2.25 -34.67 -12.96
CA LYS A 61 3.68 -34.81 -12.90
C LYS A 61 3.95 -35.86 -11.86
N VAL A 62 4.78 -36.82 -12.20
CA VAL A 62 5.05 -38.00 -11.38
C VAL A 62 6.52 -38.01 -11.01
N ILE A 63 6.84 -37.93 -9.72
CA ILE A 63 8.22 -37.82 -9.28
C ILE A 63 8.61 -39.02 -8.45
N SER A 64 9.62 -39.74 -8.91
CA SER A 64 10.22 -40.81 -8.12
C SER A 64 10.90 -40.24 -6.90
N LYS A 65 10.69 -40.85 -5.74
CA LYS A 65 11.41 -40.46 -4.54
C LYS A 65 12.91 -40.45 -4.77
N ARG A 66 13.40 -41.50 -5.44
CA ARG A 66 14.79 -41.59 -5.86
C ARG A 66 15.23 -40.39 -6.72
N GLN A 67 14.32 -39.82 -7.51
CA GLN A 67 14.65 -38.65 -8.30
C GLN A 67 15.00 -37.49 -7.40
N VAL A 68 14.31 -37.37 -6.27
CA VAL A 68 14.52 -36.25 -5.37
C VAL A 68 14.64 -36.66 -3.89
N LYS A 69 15.76 -37.22 -3.52
CA LYS A 69 15.95 -37.54 -2.12
C LYS A 69 17.04 -36.68 -1.52
N GLN A 70 17.42 -35.63 -2.25
CA GLN A 70 18.30 -34.63 -1.69
C GLN A 70 17.39 -33.97 -0.67
N LYS A 71 17.77 -33.98 0.60
CA LYS A 71 16.88 -33.46 1.63
C LYS A 71 16.52 -32.03 1.30
N THR A 72 17.44 -31.27 0.74
CA THR A 72 17.12 -29.93 0.32
C THR A 72 16.03 -30.06 -0.70
N ASP A 73 16.21 -31.04 -1.57
CA ASP A 73 15.29 -31.21 -2.66
C ASP A 73 13.87 -31.58 -2.25
N LYS A 74 13.71 -32.46 -1.27
CA LYS A 74 12.39 -32.78 -0.81
C LYS A 74 11.79 -31.46 -0.29
N GLU A 75 12.60 -30.71 0.43
CA GLU A 75 12.14 -29.46 0.98
C GLU A 75 11.84 -28.50 -0.13
N LEU A 76 12.60 -28.55 -1.20
CA LEU A 76 12.37 -27.67 -2.32
C LEU A 76 11.06 -27.96 -3.00
N LEU A 77 10.76 -29.23 -3.21
CA LEU A 77 9.53 -29.55 -3.89
C LEU A 77 8.33 -29.26 -3.02
N LEU A 78 8.38 -29.70 -1.78
CA LEU A 78 7.31 -29.42 -0.84
C LEU A 78 7.03 -27.91 -0.85
N LYS A 79 8.09 -27.12 -1.00
CA LYS A 79 7.97 -25.66 -1.03
C LYS A 79 7.27 -25.08 -2.26
N GLU A 80 7.62 -25.59 -3.44
CA GLU A 80 6.90 -25.21 -4.65
C GLU A 80 5.42 -25.54 -4.49
N VAL A 81 5.14 -26.65 -3.82
CA VAL A 81 3.77 -27.08 -3.52
C VAL A 81 3.05 -26.07 -2.67
N GLU A 82 3.69 -25.58 -1.60
CA GLU A 82 3.02 -24.59 -0.75
C GLU A 82 2.80 -23.27 -1.44
N LEU A 83 3.70 -22.85 -2.33
CA LEU A 83 3.48 -21.65 -3.15
C LEU A 83 2.22 -21.81 -3.95
N LEU A 84 2.14 -22.93 -4.67
CA LEU A 84 1.04 -23.17 -5.58
C LEU A 84 -0.30 -23.28 -4.86
N LYS A 85 -0.34 -23.97 -3.73
CA LYS A 85 -1.52 -23.97 -2.85
C LYS A 85 -2.03 -22.58 -2.49
N LYS A 86 -1.12 -21.63 -2.38
CA LYS A 86 -1.43 -20.25 -2.02
C LYS A 86 -1.96 -19.45 -3.19
N LEU A 87 -1.40 -19.67 -4.37
CA LEU A 87 -1.69 -18.85 -5.53
C LEU A 87 -3.01 -19.20 -6.15
N ASP A 88 -3.73 -18.20 -6.63
CA ASP A 88 -5.02 -18.39 -7.26
C ASP A 88 -5.27 -17.12 -8.08
N HIS A 89 -5.03 -17.22 -9.39
CA HIS A 89 -5.08 -16.08 -10.30
C HIS A 89 -5.28 -16.65 -11.71
N PRO A 90 -6.14 -16.00 -12.52
CA PRO A 90 -6.51 -16.49 -13.86
C PRO A 90 -5.35 -16.69 -14.83
N ASN A 91 -4.28 -15.94 -14.63
CA ASN A 91 -3.07 -16.07 -15.44
C ASN A 91 -1.90 -16.78 -14.77
N ILE A 92 -2.13 -17.43 -13.63
CA ILE A 92 -1.06 -18.20 -12.97
C ILE A 92 -1.47 -19.66 -12.88
N MET A 93 -0.49 -20.54 -12.97
CA MET A 93 -0.74 -21.98 -12.94
C MET A 93 -1.59 -22.41 -11.75
N LYS A 94 -2.55 -23.29 -12.02
CA LYS A 94 -3.45 -23.81 -11.00
C LYS A 94 -2.98 -25.21 -10.60
N LEU A 95 -2.81 -25.43 -9.31
CA LEU A 95 -2.48 -26.76 -8.79
C LEU A 95 -3.74 -27.38 -8.23
N TYR A 96 -4.05 -28.60 -8.60
CA TYR A 96 -5.31 -29.22 -8.20
C TYR A 96 -5.14 -30.19 -7.01
N GLU A 97 -4.10 -31.03 -7.06
CA GLU A 97 -3.87 -32.06 -6.06
C GLU A 97 -2.39 -32.35 -5.89
N PHE A 98 -2.01 -32.78 -4.68
CA PHE A 98 -0.70 -33.35 -4.39
C PHE A 98 -0.86 -34.70 -3.71
N PHE A 99 -0.33 -35.76 -4.31
CA PHE A 99 -0.52 -37.14 -3.82
C PHE A 99 0.81 -37.67 -3.28
N GLU A 100 0.74 -38.77 -2.55
CA GLU A 100 1.95 -39.50 -2.22
C GLU A 100 1.76 -40.98 -2.35
N ASP A 101 2.84 -41.61 -2.76
CA ASP A 101 2.95 -43.03 -2.92
C ASP A 101 4.06 -43.55 -2.03
N LYS A 102 4.15 -44.89 -2.00
CA LYS A 102 5.25 -45.57 -1.37
C LYS A 102 6.58 -45.05 -1.91
N GLY A 103 6.64 -44.81 -3.22
CA GLY A 103 7.85 -44.31 -3.88
C GLY A 103 7.64 -43.20 -4.89
N TYR A 104 6.56 -42.44 -4.72
CA TYR A 104 6.19 -41.43 -5.71
C TYR A 104 5.38 -40.26 -5.11
N PHE A 105 5.56 -39.10 -5.72
CA PHE A 105 4.77 -37.91 -5.41
C PHE A 105 4.02 -37.55 -6.70
N TYR A 106 2.81 -37.04 -6.59
CA TYR A 106 2.05 -36.69 -7.78
C TYR A 106 1.55 -35.26 -7.67
N LEU A 107 1.82 -34.47 -8.71
CA LEU A 107 1.27 -33.12 -8.80
C LEU A 107 0.26 -33.04 -9.91
N VAL A 108 -1.00 -32.95 -9.55
CA VAL A 108 -2.02 -32.79 -10.57
C VAL A 108 -2.21 -31.32 -10.89
N THR A 109 -1.78 -30.95 -12.08
CA THR A 109 -1.92 -29.59 -12.60
C THR A 109 -2.94 -29.55 -13.75
N GLU A 110 -3.45 -28.37 -14.00
CA GLU A 110 -4.26 -28.13 -15.16
C GLU A 110 -3.45 -28.32 -16.42
N VAL A 111 -4.12 -28.81 -17.46
CA VAL A 111 -3.45 -29.02 -18.74
C VAL A 111 -3.64 -27.77 -19.55
N TYR A 112 -2.53 -27.28 -20.12
CA TYR A 112 -2.53 -26.07 -20.94
C TYR A 112 -2.13 -26.49 -22.35
N THR A 113 -3.11 -26.48 -23.26
CA THR A 113 -3.00 -27.14 -24.54
C THR A 113 -2.37 -26.28 -25.63
N GLY A 114 -1.98 -25.04 -25.31
CA GLY A 114 -1.49 -24.12 -26.34
C GLY A 114 0.02 -24.15 -26.52
N GLY A 115 0.72 -24.86 -25.64
CA GLY A 115 2.18 -24.83 -25.69
C GLY A 115 2.82 -23.45 -25.41
N GLU A 116 4.14 -23.38 -25.58
CA GLU A 116 4.92 -22.27 -25.02
C GLU A 116 4.78 -21.03 -25.87
N LEU A 117 4.87 -19.89 -25.21
CA LEU A 117 4.91 -18.62 -25.89
C LEU A 117 6.13 -18.59 -26.81
N PHE A 118 7.20 -19.27 -26.37
CA PHE A 118 8.42 -19.38 -27.18
C PHE A 118 8.05 -19.85 -28.58
N ASP A 119 7.45 -21.04 -28.64
CA ASP A 119 7.12 -21.66 -29.92
C ASP A 119 6.20 -20.77 -30.75
N GLU A 120 5.29 -20.06 -30.11
CA GLU A 120 4.44 -19.11 -30.83
C GLU A 120 5.26 -17.94 -31.35
N ILE A 121 6.34 -17.62 -30.64
CA ILE A 121 7.29 -16.59 -31.08
C ILE A 121 8.02 -17.03 -32.33
N ILE A 122 8.59 -18.24 -32.28
CA ILE A 122 9.41 -18.70 -33.41
C ILE A 122 8.54 -19.12 -34.59
N SER A 123 7.22 -18.91 -34.52
CA SER A 123 6.41 -19.18 -35.72
C SER A 123 5.93 -17.94 -36.44
N ARG A 124 5.56 -16.89 -35.72
CA ARG A 124 5.10 -15.64 -36.33
C ARG A 124 6.11 -14.52 -36.16
N LYS A 125 7.12 -14.72 -35.31
CA LYS A 125 8.18 -13.72 -35.18
C LYS A 125 7.84 -12.43 -34.43
N ARG A 126 6.83 -11.70 -34.85
CA ARG A 126 6.56 -10.37 -34.28
C ARG A 126 5.11 -10.28 -33.89
N PHE A 127 4.80 -9.54 -32.82
CA PHE A 127 3.43 -9.46 -32.35
C PHE A 127 2.81 -8.11 -32.61
N SER A 128 1.53 -8.14 -32.97
CA SER A 128 0.73 -6.92 -33.06
C SER A 128 0.81 -6.18 -31.73
N GLU A 129 0.89 -4.86 -31.79
CA GLU A 129 0.83 -4.01 -30.58
C GLU A 129 -0.37 -4.36 -29.69
N VAL A 130 -1.52 -4.60 -30.32
CA VAL A 130 -2.73 -5.03 -29.62
C VAL A 130 -2.49 -6.36 -28.94
N ASP A 131 -1.95 -7.30 -29.71
CA ASP A 131 -1.67 -8.66 -29.24
C ASP A 131 -0.73 -8.67 -28.06
N ALA A 132 0.37 -7.93 -28.23
CA ALA A 132 1.41 -7.91 -27.25
C ALA A 132 0.97 -7.23 -25.96
N ALA A 133 0.21 -6.15 -26.07
CA ALA A 133 -0.30 -5.49 -24.86
C ALA A 133 -1.19 -6.44 -24.06
N ARG A 134 -2.09 -7.13 -24.75
CA ARG A 134 -3.00 -8.05 -24.09
C ARG A 134 -2.23 -9.15 -23.34
N ILE A 135 -1.22 -9.69 -24.01
CA ILE A 135 -0.39 -10.73 -23.45
C ILE A 135 0.36 -10.23 -22.21
N ILE A 136 1.02 -9.10 -22.38
CA ILE A 136 1.87 -8.54 -21.32
C ILE A 136 1.02 -8.10 -20.16
N ARG A 137 -0.13 -7.51 -20.46
CA ARG A 137 -1.11 -7.13 -19.44
C ARG A 137 -1.34 -8.27 -18.46
N GLN A 138 -1.63 -9.44 -19.01
CA GLN A 138 -1.86 -10.67 -18.23
C GLN A 138 -0.66 -11.06 -17.36
N VAL A 139 0.52 -11.07 -17.98
CA VAL A 139 1.77 -11.34 -17.26
C VAL A 139 1.91 -10.46 -16.04
N LEU A 140 1.81 -9.15 -16.26
CA LEU A 140 1.98 -8.21 -15.17
C LEU A 140 0.91 -8.37 -14.11
N SER A 141 -0.33 -8.69 -14.51
CA SER A 141 -1.37 -8.95 -13.52
C SER A 141 -1.03 -10.17 -12.65
N GLY A 142 -0.58 -11.24 -13.30
CA GLY A 142 -0.05 -12.36 -12.55
C GLY A 142 0.94 -11.93 -11.49
N ILE A 143 1.95 -11.18 -11.92
CA ILE A 143 3.08 -10.89 -11.05
C ILE A 143 2.78 -9.79 -10.03
N THR A 144 1.90 -8.86 -10.38
CA THR A 144 1.39 -7.89 -9.42
C THR A 144 0.81 -8.63 -8.23
N TYR A 145 -0.02 -9.61 -8.55
CA TYR A 145 -0.61 -10.51 -7.58
C TYR A 145 0.48 -11.19 -6.78
N MET A 146 1.46 -11.76 -7.47
CA MET A 146 2.50 -12.52 -6.78
C MET A 146 3.29 -11.63 -5.85
N HIS A 147 3.75 -10.52 -6.42
CA HIS A 147 4.52 -9.55 -5.66
C HIS A 147 3.72 -9.06 -4.48
N LYS A 148 2.43 -8.82 -4.66
CA LYS A 148 1.61 -8.40 -3.54
C LYS A 148 1.68 -9.45 -2.43
N ASN A 149 1.62 -10.71 -2.81
CA ASN A 149 1.61 -11.83 -1.88
C ASN A 149 3.00 -12.31 -1.47
N LYS A 150 4.01 -11.46 -1.67
CA LYS A 150 5.39 -11.73 -1.24
C LYS A 150 5.98 -12.96 -1.91
N ILE A 151 5.77 -13.07 -3.22
CA ILE A 151 6.37 -14.13 -4.01
C ILE A 151 6.99 -13.53 -5.25
N VAL A 152 8.27 -13.80 -5.47
CA VAL A 152 8.96 -13.34 -6.68
C VAL A 152 9.35 -14.57 -7.51
N HIS A 153 9.17 -14.46 -8.82
CA HIS A 153 9.30 -15.62 -9.69
C HIS A 153 10.74 -15.95 -10.03
N ARG A 154 11.49 -14.95 -10.51
CA ARG A 154 12.95 -15.07 -10.77
C ARG A 154 13.33 -15.72 -12.07
N ASP A 155 12.34 -16.07 -12.88
CA ASP A 155 12.61 -16.82 -14.08
C ASP A 155 11.48 -16.69 -15.06
N LEU A 156 11.23 -15.47 -15.45
CA LEU A 156 10.22 -15.25 -16.45
C LEU A 156 10.88 -15.34 -17.81
N LYS A 157 10.08 -15.77 -18.78
CA LYS A 157 10.48 -15.94 -20.16
C LYS A 157 9.37 -16.65 -20.90
N PRO A 158 9.31 -16.48 -22.23
CA PRO A 158 8.31 -17.19 -23.03
C PRO A 158 8.33 -18.71 -22.80
N GLU A 159 9.49 -19.26 -22.42
CA GLU A 159 9.61 -20.67 -22.10
C GLU A 159 8.75 -21.04 -20.86
N ASN A 160 8.55 -20.07 -19.97
CA ASN A 160 7.76 -20.28 -18.75
C ASN A 160 6.42 -19.58 -18.78
N LEU A 161 5.91 -19.35 -19.99
CA LEU A 161 4.53 -18.92 -20.20
C LEU A 161 3.88 -19.84 -21.19
N LEU A 162 2.69 -20.31 -20.87
CA LEU A 162 1.98 -21.17 -21.78
C LEU A 162 0.64 -20.56 -22.13
N LEU A 163 0.20 -20.79 -23.36
CA LEU A 163 -1.13 -20.37 -23.76
C LEU A 163 -2.08 -21.51 -23.41
N GLU A 164 -3.23 -21.17 -22.82
CA GLU A 164 -4.14 -22.16 -22.23
C GLU A 164 -4.65 -23.17 -23.25
N ASN A 165 -4.85 -22.68 -24.48
CA ASN A 165 -5.45 -23.46 -25.54
C ASN A 165 -4.91 -22.95 -26.88
N LYS A 166 -5.64 -23.21 -27.96
CA LYS A 166 -5.16 -22.91 -29.30
C LYS A 166 -5.89 -21.76 -30.00
N ARG A 167 -6.84 -21.12 -29.31
CA ARG A 167 -7.61 -20.02 -29.92
C ARG A 167 -6.64 -18.88 -30.21
N LYS A 168 -7.03 -17.96 -31.09
CA LYS A 168 -6.10 -16.92 -31.58
C LYS A 168 -5.64 -15.97 -30.48
N ASP A 169 -6.55 -15.57 -29.61
CA ASP A 169 -6.22 -14.65 -28.54
C ASP A 169 -6.44 -15.35 -27.21
N ALA A 170 -5.79 -16.49 -27.09
CA ALA A 170 -5.92 -17.32 -25.91
C ALA A 170 -5.27 -16.68 -24.67
N ASN A 171 -5.79 -17.06 -23.51
CA ASN A 171 -5.27 -16.58 -22.24
C ASN A 171 -3.91 -17.21 -21.94
N ILE A 172 -3.13 -16.53 -21.10
CA ILE A 172 -1.74 -16.92 -20.80
C ILE A 172 -1.60 -17.36 -19.36
N ARG A 173 -0.75 -18.36 -19.14
CA ARG A 173 -0.49 -18.88 -17.79
C ARG A 173 0.99 -18.96 -17.48
N ILE A 174 1.34 -18.54 -16.28
CA ILE A 174 2.72 -18.48 -15.80
C ILE A 174 3.03 -19.83 -15.20
N ILE A 175 4.26 -20.32 -15.37
CA ILE A 175 4.58 -21.71 -14.95
C ILE A 175 5.99 -21.90 -14.37
N ASP A 176 6.32 -23.16 -14.03
CA ASP A 176 7.61 -23.58 -13.44
C ASP A 176 8.08 -22.62 -12.40
N PHE A 177 7.41 -22.73 -11.26
CA PHE A 177 7.75 -22.00 -10.05
C PHE A 177 8.90 -22.65 -9.27
N GLY A 178 9.75 -23.41 -9.96
CA GLY A 178 10.89 -24.10 -9.36
C GLY A 178 12.05 -23.21 -8.96
N LEU A 179 12.11 -21.99 -9.49
CA LEU A 179 13.11 -21.01 -9.08
C LEU A 179 12.48 -19.85 -8.34
N SER A 180 11.20 -19.98 -8.03
CA SER A 180 10.46 -18.91 -7.38
C SER A 180 10.73 -18.98 -5.89
N THR A 181 10.56 -17.86 -5.20
CA THR A 181 10.70 -17.85 -3.74
C THR A 181 9.87 -16.78 -3.03
N HIS A 182 9.70 -16.99 -1.72
CA HIS A 182 9.09 -16.00 -0.84
C HIS A 182 10.08 -14.88 -0.57
N PHE A 183 9.56 -13.67 -0.35
CA PHE A 183 10.44 -12.55 -0.08
C PHE A 183 9.85 -11.66 1.00
N GLU A 184 10.73 -11.08 1.81
CA GLU A 184 10.34 -10.07 2.79
C GLU A 184 11.04 -8.79 2.34
N SER A 185 10.31 -7.68 2.27
CA SER A 185 10.87 -6.41 1.76
C SER A 185 12.18 -6.01 2.44
N THR A 186 12.30 -6.32 3.73
CA THR A 186 13.42 -5.84 4.53
C THR A 186 14.76 -6.50 4.18
N LYS A 187 14.76 -7.78 3.78
CA LYS A 187 15.99 -8.48 3.39
C LYS A 187 16.06 -8.77 1.88
N LYS A 188 17.19 -8.45 1.24
CA LYS A 188 17.28 -8.63 -0.20
C LYS A 188 17.81 -10.02 -0.53
N MET A 189 17.40 -10.55 -1.69
CA MET A 189 17.80 -11.88 -2.09
C MET A 189 19.15 -11.87 -2.78
N LYS A 190 19.77 -13.06 -2.80
CA LYS A 190 21.17 -13.19 -3.15
C LYS A 190 21.49 -14.26 -4.19
N ASP A 191 20.76 -15.37 -4.16
CA ASP A 191 21.01 -16.49 -5.08
C ASP A 191 20.96 -16.03 -6.54
N LYS A 192 21.91 -16.50 -7.34
CA LYS A 192 22.02 -16.10 -8.74
C LYS A 192 21.23 -17.10 -9.59
N ILE A 193 20.01 -16.70 -9.96
CA ILE A 193 19.03 -17.61 -10.53
C ILE A 193 18.29 -16.84 -11.63
N GLY A 194 18.08 -17.47 -12.78
CA GLY A 194 17.49 -16.79 -13.93
C GLY A 194 18.07 -17.31 -15.24
N THR A 195 17.87 -16.55 -16.31
CA THR A 195 18.22 -17.01 -17.65
C THR A 195 18.92 -15.88 -18.39
N ALA A 196 19.91 -16.25 -19.18
CA ALA A 196 20.80 -15.32 -19.84
C ALA A 196 20.10 -14.06 -20.35
N TYR A 197 19.15 -14.25 -21.26
CA TYR A 197 18.62 -13.13 -22.01
C TYR A 197 17.74 -12.24 -21.16
N TYR A 198 17.13 -12.82 -20.12
CA TYR A 198 16.07 -12.15 -19.34
C TYR A 198 16.47 -11.66 -17.97
N ILE A 199 17.62 -12.11 -17.48
CA ILE A 199 18.01 -11.91 -16.09
C ILE A 199 18.50 -10.47 -15.87
N ALA A 200 18.08 -9.87 -14.76
CA ALA A 200 18.32 -8.46 -14.47
C ALA A 200 19.64 -8.26 -13.81
N PRO A 201 20.29 -7.13 -14.14
CA PRO A 201 21.65 -6.85 -13.68
C PRO A 201 21.82 -7.15 -12.19
N GLU A 202 20.93 -6.61 -11.37
CA GLU A 202 21.13 -6.70 -9.94
C GLU A 202 21.23 -8.14 -9.43
N VAL A 203 20.64 -9.07 -10.16
CA VAL A 203 20.69 -10.47 -9.78
C VAL A 203 22.10 -11.03 -9.97
N LEU A 204 22.79 -10.50 -10.97
CA LEU A 204 24.16 -10.90 -11.22
C LEU A 204 25.04 -10.43 -10.08
N HIS A 205 24.78 -9.20 -9.63
CA HIS A 205 25.52 -8.57 -8.55
C HIS A 205 25.33 -9.24 -7.20
N GLY A 206 24.25 -9.99 -7.03
CA GLY A 206 24.06 -10.78 -5.81
C GLY A 206 23.02 -10.20 -4.88
N THR A 207 22.64 -8.94 -5.07
CA THR A 207 21.51 -8.38 -4.34
C THR A 207 20.41 -7.99 -5.30
N TYR A 208 19.21 -8.52 -5.07
CA TYR A 208 18.08 -8.13 -5.88
C TYR A 208 16.76 -8.25 -5.13
N ASP A 209 15.72 -7.70 -5.77
CA ASP A 209 14.35 -7.68 -5.22
C ASP A 209 13.35 -8.17 -6.28
N GLU A 210 12.07 -8.19 -5.93
CA GLU A 210 11.05 -8.64 -6.87
C GLU A 210 11.04 -7.85 -8.21
N LYS A 211 11.59 -6.65 -8.23
CA LYS A 211 11.67 -5.87 -9.46
C LYS A 211 12.37 -6.59 -10.61
N CYS A 212 13.23 -7.57 -10.33
CA CYS A 212 13.83 -8.39 -11.41
C CYS A 212 12.77 -8.97 -12.32
N ASP A 213 11.64 -9.43 -11.75
CA ASP A 213 10.52 -9.92 -12.57
C ASP A 213 10.03 -8.88 -13.54
N VAL A 214 10.01 -7.61 -13.13
CA VAL A 214 9.67 -6.53 -14.08
C VAL A 214 10.65 -6.45 -15.25
N TRP A 215 11.95 -6.35 -14.94
CA TRP A 215 13.01 -6.40 -15.94
C TRP A 215 12.81 -7.51 -16.95
N SER A 216 12.68 -8.74 -16.47
CA SER A 216 12.42 -9.89 -17.33
C SER A 216 11.22 -9.68 -18.23
N THR A 217 10.12 -9.19 -17.66
CA THR A 217 8.91 -8.90 -18.42
C THR A 217 9.20 -7.84 -19.45
N GLY A 218 10.03 -6.88 -19.08
CA GLY A 218 10.43 -5.84 -20.02
C GLY A 218 11.24 -6.39 -21.18
N VAL A 219 12.08 -7.39 -20.89
CA VAL A 219 12.84 -8.07 -21.93
C VAL A 219 11.85 -8.82 -22.80
N ILE A 220 10.92 -9.50 -22.16
CA ILE A 220 9.93 -10.23 -22.92
C ILE A 220 9.18 -9.30 -23.87
N LEU A 221 8.76 -8.15 -23.36
CA LEU A 221 8.00 -7.23 -24.19
C LEU A 221 8.80 -6.75 -25.40
N TYR A 222 10.10 -6.48 -25.20
CA TYR A 222 10.99 -6.07 -26.28
C TYR A 222 10.97 -7.11 -27.40
N ILE A 223 11.10 -8.37 -27.00
CA ILE A 223 11.10 -9.49 -27.95
C ILE A 223 9.79 -9.60 -28.71
N LEU A 224 8.68 -9.47 -27.99
CA LEU A 224 7.37 -9.57 -28.61
C LEU A 224 7.20 -8.57 -29.73
N LEU A 225 7.63 -7.35 -29.47
CA LEU A 225 7.40 -6.29 -30.44
C LEU A 225 8.40 -6.32 -31.58
N SER A 226 9.63 -6.77 -31.33
CA SER A 226 10.66 -6.74 -32.38
C SER A 226 11.20 -8.08 -32.89
N GLY A 227 10.84 -9.18 -32.24
CA GLY A 227 11.37 -10.50 -32.61
C GLY A 227 12.81 -10.77 -32.20
N CYS A 228 13.49 -9.79 -31.60
CA CYS A 228 14.89 -9.94 -31.21
C CYS A 228 15.07 -9.57 -29.73
N PRO A 229 16.05 -10.19 -29.04
CA PRO A 229 16.39 -9.71 -27.69
C PRO A 229 17.01 -8.32 -27.73
N PRO A 230 16.85 -7.54 -26.65
CA PRO A 230 17.49 -6.24 -26.63
C PRO A 230 18.98 -6.35 -26.30
N PHE A 231 19.32 -7.43 -25.59
CA PHE A 231 20.71 -7.79 -25.29
C PHE A 231 20.95 -9.17 -25.88
N ASN A 232 21.99 -9.24 -26.71
CA ASN A 232 22.33 -10.45 -27.43
C ASN A 232 23.78 -10.88 -27.17
N GLY A 233 24.15 -12.05 -27.66
CA GLY A 233 25.52 -12.51 -27.54
C GLY A 233 25.78 -13.79 -28.31
N ALA A 234 27.02 -13.94 -28.77
CA ALA A 234 27.51 -15.17 -29.37
C ALA A 234 27.15 -16.38 -28.51
N ASN A 235 27.31 -16.21 -27.21
CA ASN A 235 26.94 -17.24 -26.22
C ASN A 235 26.46 -16.59 -24.91
N GLU A 236 25.98 -17.43 -23.99
CA GLU A 236 25.46 -16.99 -22.69
C GLU A 236 26.34 -15.90 -22.05
N PHE A 237 27.63 -16.22 -21.88
CA PHE A 237 28.60 -15.29 -21.34
C PHE A 237 28.57 -13.92 -22.03
N ASP A 238 28.61 -13.88 -23.37
CA ASP A 238 28.55 -12.60 -24.08
C ASP A 238 27.25 -11.86 -23.87
N ILE A 239 26.18 -12.60 -23.61
CA ILE A 239 24.88 -12.00 -23.31
C ILE A 239 24.95 -11.29 -21.95
N LEU A 240 25.49 -12.02 -20.98
CA LEU A 240 25.55 -11.55 -19.61
C LEU A 240 26.32 -10.25 -19.49
N LYS A 241 27.44 -10.16 -20.22
CA LYS A 241 28.27 -8.94 -20.22
C LYS A 241 27.46 -7.80 -20.79
N LYS A 242 26.83 -8.06 -21.94
CA LYS A 242 25.98 -7.08 -22.59
C LYS A 242 24.91 -6.58 -21.63
N VAL A 243 24.30 -7.54 -20.94
CA VAL A 243 23.25 -7.26 -19.98
C VAL A 243 23.78 -6.39 -18.86
N GLU A 244 24.82 -6.86 -18.18
CA GLU A 244 25.33 -6.17 -16.99
C GLU A 244 25.77 -4.75 -17.28
N LYS A 245 26.28 -4.50 -18.48
CA LYS A 245 26.63 -3.12 -18.90
C LYS A 245 25.37 -2.26 -19.09
N GLY A 246 24.26 -2.91 -19.43
CA GLY A 246 22.93 -2.33 -19.24
C GLY A 246 22.33 -1.62 -20.44
N LYS A 247 23.18 -1.13 -21.35
CA LYS A 247 22.71 -0.34 -22.47
C LYS A 247 22.01 -1.20 -23.53
N PHE A 248 20.82 -0.77 -23.93
CA PHE A 248 20.12 -1.35 -25.07
C PHE A 248 19.64 -0.21 -25.94
N THR A 249 19.06 -0.55 -27.08
CA THR A 249 18.70 0.46 -28.06
C THR A 249 17.50 0.01 -28.84
N PHE A 250 16.67 0.96 -29.24
CA PHE A 250 15.56 0.76 -30.16
C PHE A 250 15.98 1.00 -31.61
N ASP A 251 17.23 0.66 -31.93
CA ASP A 251 17.88 1.06 -33.19
C ASP A 251 17.52 0.19 -34.39
N LEU A 252 16.77 -0.89 -34.15
CA LEU A 252 16.40 -1.83 -35.20
C LEU A 252 15.33 -1.22 -36.12
N PRO A 253 15.30 -1.60 -37.42
CA PRO A 253 14.31 -0.95 -38.30
C PRO A 253 12.88 -1.27 -37.86
N GLN A 254 12.65 -2.54 -37.51
CA GLN A 254 11.41 -3.01 -36.87
C GLN A 254 10.72 -2.00 -35.95
N TRP A 255 11.52 -1.26 -35.18
CA TRP A 255 10.97 -0.31 -34.21
C TRP A 255 10.36 0.95 -34.82
N LYS A 256 10.69 1.24 -36.08
CA LYS A 256 10.11 2.39 -36.77
C LYS A 256 8.59 2.36 -36.71
N LYS A 257 8.02 1.17 -36.88
CA LYS A 257 6.57 1.04 -36.88
C LYS A 257 5.95 1.22 -35.48
N VAL A 258 6.69 0.92 -34.41
CA VAL A 258 6.08 0.81 -33.07
C VAL A 258 5.95 2.16 -32.33
N SER A 259 4.82 2.35 -31.64
CA SER A 259 4.48 3.65 -31.02
C SER A 259 5.37 3.98 -29.85
N GLU A 260 5.56 5.27 -29.61
CA GLU A 260 6.49 5.74 -28.59
C GLU A 260 6.13 5.28 -27.17
N PRO A 261 4.83 5.28 -26.77
CA PRO A 261 4.57 4.89 -25.39
C PRO A 261 5.04 3.46 -25.09
N ALA A 262 4.76 2.56 -26.01
CA ALA A 262 5.22 1.18 -25.88
C ALA A 262 6.71 1.14 -25.58
N LYS A 263 7.46 1.97 -26.28
CA LYS A 263 8.86 2.18 -26.01
C LYS A 263 9.05 2.73 -24.59
N ASP A 264 8.24 3.72 -24.26
CA ASP A 264 8.26 4.34 -22.94
C ASP A 264 8.10 3.31 -21.83
N LEU A 265 7.12 2.43 -21.97
CA LEU A 265 6.93 1.34 -21.02
C LEU A 265 8.16 0.45 -20.96
N ILE A 266 8.66 0.05 -22.11
CA ILE A 266 9.84 -0.76 -22.19
C ILE A 266 10.98 -0.12 -21.41
N ARG A 267 11.20 1.18 -21.64
CA ARG A 267 12.28 1.87 -20.96
C ARG A 267 12.08 1.90 -19.44
N LYS A 268 10.84 2.12 -18.99
CA LYS A 268 10.50 2.11 -17.55
C LYS A 268 10.65 0.73 -16.91
N MET A 269 10.48 -0.33 -17.69
CA MET A 269 10.62 -1.67 -17.17
C MET A 269 12.08 -2.11 -17.18
N LEU A 270 12.88 -1.55 -18.07
CA LEU A 270 14.31 -1.84 -18.10
C LEU A 270 15.16 -0.69 -17.56
N ALA A 271 14.62 0.02 -16.56
CA ALA A 271 15.40 0.95 -15.79
C ALA A 271 16.47 0.13 -15.10
N TYR A 272 17.71 0.52 -15.26
CA TYR A 272 18.82 -0.28 -14.81
C TYR A 272 18.71 -0.58 -13.30
N VAL A 273 18.58 0.48 -12.50
CA VAL A 273 18.55 0.31 -11.03
C VAL A 273 17.13 -0.02 -10.57
N PRO A 274 16.98 -1.10 -9.77
CA PRO A 274 15.66 -1.53 -9.31
C PRO A 274 14.82 -0.43 -8.68
N THR A 275 15.42 0.43 -7.85
CA THR A 275 14.70 1.53 -7.23
C THR A 275 14.00 2.45 -8.26
N MET A 276 14.60 2.65 -9.41
CA MET A 276 13.99 3.48 -10.44
C MET A 276 13.18 2.72 -11.48
N ARG A 277 13.07 1.42 -11.34
CA ARG A 277 12.34 0.66 -12.32
C ARG A 277 10.88 0.57 -11.86
N ILE A 278 9.98 0.63 -12.81
CA ILE A 278 8.54 0.62 -12.52
C ILE A 278 8.09 -0.67 -11.86
N SER A 279 7.18 -0.58 -10.90
CA SER A 279 6.60 -1.78 -10.30
C SER A 279 5.57 -2.36 -11.24
N ALA A 280 5.16 -3.60 -10.99
CA ALA A 280 4.15 -4.25 -11.82
C ALA A 280 2.85 -3.49 -11.74
N ARG A 281 2.41 -3.25 -10.51
CA ARG A 281 1.16 -2.52 -10.24
C ARG A 281 1.06 -1.28 -11.11
N ASP A 282 2.15 -0.51 -11.13
CA ASP A 282 2.16 0.79 -11.80
C ASP A 282 2.33 0.63 -13.30
N ALA A 283 3.05 -0.40 -13.72
CA ALA A 283 3.23 -0.66 -15.14
C ALA A 283 1.90 -0.99 -15.76
N LEU A 284 1.05 -1.67 -15.00
CA LEU A 284 -0.32 -2.00 -15.42
C LEU A 284 -1.12 -0.79 -15.86
N GLU A 285 -0.80 0.36 -15.29
CA GLU A 285 -1.53 1.58 -15.58
C GLU A 285 -0.94 2.34 -16.76
N HIS A 286 0.17 1.86 -17.34
CA HIS A 286 0.74 2.54 -18.52
C HIS A 286 -0.32 2.71 -19.59
N GLU A 287 -0.37 3.91 -20.16
CA GLU A 287 -1.36 4.29 -21.18
C GLU A 287 -1.53 3.25 -22.26
N TRP A 288 -0.43 2.69 -22.72
CA TRP A 288 -0.40 1.74 -23.82
C TRP A 288 -1.31 0.56 -23.51
N LEU A 289 -1.08 -0.01 -22.34
CA LEU A 289 -1.95 -1.05 -21.82
C LEU A 289 -3.36 -0.47 -21.67
N LYS A 290 -3.40 0.76 -21.14
CA LYS A 290 -4.62 1.58 -21.04
C LYS A 290 -5.22 1.87 -22.41
N THR A 291 -4.36 2.26 -23.35
CA THR A 291 -4.83 2.81 -24.63
C THR A 291 -5.08 1.74 -25.69
N THR A 292 -4.44 0.57 -25.53
CA THR A 292 -4.58 -0.51 -26.48
C THR A 292 -6.02 -0.99 -26.49
N ASP A 293 -6.70 -0.84 -25.35
CA ASP A 293 -8.13 -0.98 -25.29
C ASP A 293 -8.77 0.32 -25.82
N ALA A 294 -9.19 0.28 -27.09
CA ALA A 294 -9.69 1.46 -27.80
C ALA A 294 -11.03 1.87 -27.23
N ALA A 295 -11.83 0.88 -26.89
CA ALA A 295 -13.02 1.04 -26.10
C ALA A 295 -13.21 -0.35 -25.51
N THR A 296 -14.04 -0.51 -24.48
CA THR A 296 -14.35 -1.85 -23.98
C THR A 296 -14.63 -2.72 -25.21
N ASP A 297 -13.94 -3.85 -25.34
CA ASP A 297 -14.31 -4.80 -26.38
C ASP A 297 -15.77 -5.14 -26.13
N SER A 298 -16.48 -5.53 -27.18
CA SER A 298 -17.85 -5.94 -26.98
C SER A 298 -17.82 -6.95 -25.84
N ILE A 299 -18.56 -6.65 -24.78
CA ILE A 299 -18.68 -7.54 -23.60
C ILE A 299 -20.15 -7.86 -23.44
N ASP A 300 -20.49 -9.13 -23.29
CA ASP A 300 -21.89 -9.50 -23.17
C ASP A 300 -22.45 -8.84 -21.90
N VAL A 301 -23.44 -7.97 -22.06
CA VAL A 301 -24.20 -7.52 -20.93
C VAL A 301 -24.95 -8.69 -20.29
N PRO A 302 -25.60 -9.57 -21.09
CA PRO A 302 -26.27 -10.70 -20.44
C PRO A 302 -25.38 -11.51 -19.50
N SER A 303 -24.18 -11.89 -19.97
CA SER A 303 -23.21 -12.61 -19.12
C SER A 303 -22.94 -11.80 -17.86
N LEU A 304 -22.73 -10.49 -18.02
CA LEU A 304 -22.44 -9.62 -16.89
C LEU A 304 -23.60 -9.53 -15.94
N GLU A 305 -24.78 -9.30 -16.49
CA GLU A 305 -25.98 -9.23 -15.68
C GLU A 305 -26.20 -10.54 -14.90
N SER A 306 -26.05 -11.70 -15.55
CA SER A 306 -26.32 -12.96 -14.87
C SER A 306 -25.30 -13.26 -13.80
N THR A 307 -24.05 -12.92 -14.04
CA THR A 307 -23.01 -13.13 -13.06
C THR A 307 -23.27 -12.26 -11.84
N ILE A 308 -23.56 -11.00 -12.06
CA ILE A 308 -23.93 -10.09 -10.96
C ILE A 308 -25.16 -10.60 -10.24
N LEU A 309 -26.11 -11.17 -10.97
CA LEU A 309 -27.29 -11.73 -10.35
C LEU A 309 -26.99 -13.00 -9.56
N ASN A 310 -26.19 -13.90 -10.13
CA ASN A 310 -25.79 -15.10 -9.42
C ASN A 310 -25.00 -14.80 -8.16
N ILE A 311 -24.33 -13.65 -8.13
CA ILE A 311 -23.57 -13.26 -6.96
C ILE A 311 -24.52 -12.75 -5.92
N ARG A 312 -25.42 -11.86 -6.28
CA ARG A 312 -26.30 -11.25 -5.27
C ARG A 312 -27.04 -12.34 -4.50
N GLN A 313 -27.38 -13.41 -5.21
CA GLN A 313 -28.27 -14.39 -4.65
C GLN A 313 -27.57 -15.54 -3.98
N PHE A 314 -26.30 -15.38 -3.65
CA PHE A 314 -25.58 -16.40 -2.93
C PHE A 314 -25.81 -16.04 -1.50
N GLN A 315 -26.71 -16.76 -0.85
CA GLN A 315 -27.01 -16.51 0.56
C GLN A 315 -25.83 -17.04 1.35
N GLY A 316 -25.49 -16.36 2.43
CA GLY A 316 -24.42 -16.83 3.32
C GLY A 316 -24.80 -18.22 3.77
N THR A 317 -23.82 -19.04 4.14
CA THR A 317 -24.11 -20.44 4.28
C THR A 317 -23.20 -21.12 5.28
N GLN A 318 -23.67 -22.23 5.82
CA GLN A 318 -22.91 -23.05 6.74
C GLN A 318 -21.63 -23.58 6.11
N LYS A 319 -20.68 -23.94 6.96
CA LYS A 319 -19.34 -24.24 6.50
C LYS A 319 -19.21 -25.47 5.59
N LEU A 320 -20.01 -26.50 5.82
CA LEU A 320 -19.95 -27.66 4.97
C LEU A 320 -20.25 -27.26 3.54
N ALA A 321 -21.32 -26.49 3.32
CA ALA A 321 -21.67 -26.12 1.94
C ALA A 321 -20.61 -25.22 1.33
N ALA A 322 -20.10 -24.29 2.14
CA ALA A 322 -19.10 -23.35 1.68
C ALA A 322 -17.89 -24.08 1.15
N ALA A 323 -17.34 -24.97 1.97
CA ALA A 323 -16.17 -25.73 1.54
C ALA A 323 -16.48 -26.51 0.26
N ALA A 324 -17.65 -27.14 0.27
CA ALA A 324 -18.08 -27.99 -0.82
C ALA A 324 -18.09 -27.22 -2.13
N LEU A 325 -18.69 -26.04 -2.08
CA LEU A 325 -18.81 -25.22 -3.25
C LEU A 325 -17.46 -24.69 -3.68
N LEU A 326 -16.64 -24.27 -2.73
CA LEU A 326 -15.33 -23.71 -3.09
C LEU A 326 -14.51 -24.79 -3.74
N TYR A 327 -14.59 -26.00 -3.20
CA TYR A 327 -13.92 -27.13 -3.84
C TYR A 327 -14.38 -27.32 -5.27
N MET A 328 -15.70 -27.31 -5.46
CA MET A 328 -16.29 -27.56 -6.76
C MET A 328 -15.90 -26.43 -7.71
N GLY A 329 -16.00 -25.19 -7.23
CA GLY A 329 -15.61 -24.05 -8.03
C GLY A 329 -14.14 -24.06 -8.39
N SER A 330 -13.29 -24.17 -7.39
CA SER A 330 -11.86 -24.00 -7.58
C SER A 330 -11.22 -25.19 -8.30
N LYS A 331 -11.74 -26.39 -8.06
CA LYS A 331 -11.04 -27.62 -8.46
C LYS A 331 -11.68 -28.42 -9.59
N LEU A 332 -12.99 -28.29 -9.78
CA LEU A 332 -13.73 -29.15 -10.69
C LEU A 332 -14.29 -28.44 -11.92
N THR A 333 -13.78 -27.26 -12.22
CA THR A 333 -14.32 -26.48 -13.33
C THR A 333 -13.31 -26.42 -14.45
N THR A 334 -13.75 -26.74 -15.68
CA THR A 334 -12.87 -26.73 -16.85
C THR A 334 -12.66 -25.30 -17.34
N ASN A 335 -11.47 -25.01 -17.86
CA ASN A 335 -11.14 -23.65 -18.30
C ASN A 335 -12.07 -23.11 -19.36
N GLU A 336 -12.40 -23.99 -20.30
CA GLU A 336 -13.45 -23.73 -21.26
C GLU A 336 -14.69 -23.17 -20.57
N GLU A 337 -14.99 -23.75 -19.42
CA GLU A 337 -16.14 -23.42 -18.58
C GLU A 337 -16.19 -22.03 -17.99
N THR A 338 -15.03 -21.54 -17.55
CA THR A 338 -14.89 -20.25 -16.86
C THR A 338 -14.24 -19.13 -17.67
N VAL A 339 -14.16 -19.27 -18.97
CA VAL A 339 -13.51 -18.26 -19.78
C VAL A 339 -14.16 -16.89 -19.68
N GLU A 340 -15.46 -16.84 -19.82
CA GLU A 340 -16.12 -15.55 -19.79
C GLU A 340 -16.00 -14.95 -18.40
N LEU A 341 -16.15 -15.77 -17.37
CA LEU A 341 -16.08 -15.25 -16.03
C LEU A 341 -14.75 -14.64 -15.76
N ASN A 342 -13.69 -15.32 -16.14
CA ASN A 342 -12.42 -14.74 -15.78
C ASN A 342 -12.24 -13.38 -16.48
N LYS A 343 -12.88 -13.19 -17.64
CA LYS A 343 -12.89 -11.89 -18.30
C LYS A 343 -13.43 -10.90 -17.32
N ILE A 344 -14.70 -11.08 -16.95
CA ILE A 344 -15.42 -10.11 -16.11
C ILE A 344 -14.65 -9.81 -14.88
N PHE A 345 -14.09 -10.84 -14.24
CA PHE A 345 -13.26 -10.66 -13.04
C PHE A 345 -12.12 -9.68 -13.24
N GLN A 346 -11.39 -9.91 -14.32
CA GLN A 346 -10.22 -9.13 -14.64
C GLN A 346 -10.62 -7.67 -14.88
N ARG A 347 -11.72 -7.49 -15.61
CA ARG A 347 -12.27 -6.16 -15.87
C ARG A 347 -12.68 -5.49 -14.55
N MET A 348 -13.31 -6.27 -13.67
CA MET A 348 -13.72 -5.77 -12.37
C MET A 348 -12.53 -5.36 -11.53
N ASP A 349 -11.41 -6.06 -11.72
CA ASP A 349 -10.26 -5.87 -10.86
C ASP A 349 -9.34 -4.83 -11.46
N LYS A 350 -9.66 -3.56 -11.23
CA LYS A 350 -8.98 -2.42 -11.85
C LYS A 350 -7.53 -2.47 -11.46
N ASN A 351 -7.30 -2.57 -10.17
CA ASN A 351 -5.96 -2.45 -9.70
C ASN A 351 -5.12 -3.71 -9.93
N GLY A 352 -5.64 -4.68 -10.67
CA GLY A 352 -4.81 -5.80 -11.17
C GLY A 352 -4.40 -6.89 -10.18
N ASP A 353 -4.40 -6.55 -8.89
CA ASP A 353 -3.85 -7.44 -7.86
C ASP A 353 -4.54 -8.82 -7.70
N GLY A 354 -5.51 -9.13 -8.58
CA GLY A 354 -6.22 -10.42 -8.56
C GLY A 354 -7.19 -10.60 -7.39
N GLN A 355 -7.64 -9.52 -6.76
CA GLN A 355 -8.68 -9.57 -5.71
C GLN A 355 -9.74 -8.56 -6.05
N LEU A 356 -10.96 -8.86 -5.66
CA LEU A 356 -12.02 -7.89 -5.71
C LEU A 356 -12.16 -7.28 -4.31
N ASP A 357 -12.21 -5.95 -4.24
CA ASP A 357 -12.48 -5.28 -2.97
C ASP A 357 -13.84 -4.55 -3.05
N LYS A 358 -14.29 -4.00 -1.92
CA LYS A 358 -15.58 -3.33 -1.87
C LYS A 358 -15.75 -2.33 -2.99
N GLN A 359 -14.75 -1.49 -3.20
CA GLN A 359 -14.85 -0.44 -4.21
C GLN A 359 -14.95 -0.97 -5.61
N GLU A 360 -14.17 -2.01 -5.89
CA GLU A 360 -14.12 -2.59 -7.21
C GLU A 360 -15.43 -3.29 -7.50
N LEU A 361 -16.02 -3.88 -6.47
CA LEU A 361 -17.29 -4.59 -6.62
C LEU A 361 -18.39 -3.59 -6.82
N MET A 362 -18.32 -2.52 -6.06
CA MET A 362 -19.39 -1.52 -6.09
C MET A 362 -19.42 -0.83 -7.45
N GLU A 363 -18.24 -0.52 -7.96
CA GLU A 363 -18.11 0.10 -9.24
C GLU A 363 -18.62 -0.82 -10.33
N GLY A 364 -18.38 -2.11 -10.17
CA GLY A 364 -18.85 -3.10 -11.13
C GLY A 364 -20.35 -3.02 -11.32
N TYR A 365 -21.06 -3.12 -10.21
CA TYR A 365 -22.50 -2.99 -10.23
C TYR A 365 -22.89 -1.67 -10.88
N VAL A 366 -22.22 -0.57 -10.53
CA VAL A 366 -22.63 0.74 -11.04
C VAL A 366 -22.41 0.78 -12.56
N GLU A 367 -21.21 0.38 -12.99
CA GLU A 367 -20.91 0.24 -14.43
C GLU A 367 -22.02 -0.53 -15.13
N LEU A 368 -22.42 -1.65 -14.55
CA LEU A 368 -23.53 -2.43 -15.10
C LEU A 368 -24.78 -1.57 -15.21
N MET A 369 -25.09 -0.83 -14.14
CA MET A 369 -26.30 -0.01 -14.13
C MET A 369 -26.40 0.89 -15.32
N LYS A 370 -25.37 1.70 -15.56
CA LYS A 370 -25.41 2.61 -16.70
C LYS A 370 -25.61 1.87 -18.02
N LEU A 371 -24.93 0.73 -18.20
CA LEU A 371 -25.11 -0.06 -19.42
C LEU A 371 -26.57 -0.46 -19.53
N LYS A 372 -27.18 -0.81 -18.40
CA LYS A 372 -28.61 -0.90 -18.38
C LYS A 372 -29.21 0.50 -18.62
N GLY A 373 -28.39 1.51 -18.85
CA GLY A 373 -28.88 2.88 -19.06
C GLY A 373 -29.33 3.62 -17.81
N GLU A 374 -29.42 2.92 -16.69
CA GLU A 374 -29.80 3.55 -15.42
C GLU A 374 -28.88 4.74 -15.17
N ASP A 375 -29.46 5.81 -14.67
CA ASP A 375 -28.69 7.04 -14.38
C ASP A 375 -27.97 6.95 -13.03
N VAL A 376 -26.66 7.19 -13.07
CA VAL A 376 -25.78 7.05 -11.92
C VAL A 376 -25.94 8.04 -10.77
N SER A 377 -26.60 9.17 -10.98
CA SER A 377 -26.76 10.13 -9.92
C SER A 377 -28.07 9.87 -9.21
N ALA A 378 -28.73 8.79 -9.65
CA ALA A 378 -30.04 8.40 -9.23
C ALA A 378 -30.01 7.04 -8.53
N LEU A 379 -28.87 6.68 -7.94
CA LEU A 379 -28.74 5.38 -7.34
C LEU A 379 -28.47 5.52 -5.86
N ASP A 380 -29.29 4.83 -5.09
CA ASP A 380 -29.16 4.91 -3.66
C ASP A 380 -27.80 4.33 -3.32
N GLN A 381 -26.77 5.18 -3.37
CA GLN A 381 -25.39 4.76 -3.26
C GLN A 381 -25.17 4.03 -1.96
N SER A 382 -25.74 4.58 -0.90
CA SER A 382 -25.63 3.99 0.43
C SER A 382 -26.37 2.68 0.52
N ALA A 383 -27.35 2.46 -0.35
CA ALA A 383 -28.02 1.16 -0.40
C ALA A 383 -27.16 0.13 -1.11
N ILE A 384 -26.54 0.50 -2.21
CA ILE A 384 -25.66 -0.42 -2.95
C ILE A 384 -24.56 -0.91 -2.04
N GLU A 385 -23.92 0.09 -1.42
CA GLU A 385 -22.79 -0.14 -0.53
C GLU A 385 -23.16 -1.24 0.43
N PHE A 386 -24.33 -1.10 1.04
CA PHE A 386 -24.79 -2.07 2.02
C PHE A 386 -24.90 -3.43 1.41
N GLU A 387 -25.53 -3.47 0.24
CA GLU A 387 -25.72 -4.74 -0.48
C GLU A 387 -24.35 -5.36 -0.77
N VAL A 388 -23.41 -4.53 -1.23
CA VAL A 388 -22.04 -4.93 -1.52
C VAL A 388 -21.32 -5.46 -0.26
N GLU A 389 -21.56 -4.79 0.87
CA GLU A 389 -20.95 -5.22 2.13
C GLU A 389 -21.40 -6.61 2.43
N GLN A 390 -22.66 -6.89 2.13
CA GLN A 390 -23.25 -8.19 2.42
C GLN A 390 -22.84 -9.28 1.46
N VAL A 391 -22.67 -8.93 0.20
CA VAL A 391 -22.17 -9.87 -0.78
C VAL A 391 -20.79 -10.35 -0.37
N LEU A 392 -19.94 -9.40 -0.05
CA LEU A 392 -18.61 -9.72 0.39
C LEU A 392 -18.65 -10.66 1.60
N ASP A 393 -19.50 -10.36 2.57
CA ASP A 393 -19.64 -11.22 3.74
C ASP A 393 -20.01 -12.63 3.31
N ALA A 394 -20.91 -12.73 2.33
CA ALA A 394 -21.42 -14.02 1.87
C ALA A 394 -20.40 -14.84 1.07
N VAL A 395 -19.71 -14.17 0.14
CA VAL A 395 -18.86 -14.86 -0.82
C VAL A 395 -17.43 -15.01 -0.31
N ASP A 396 -16.99 -14.18 0.63
CA ASP A 396 -15.60 -14.21 1.10
C ASP A 396 -15.33 -15.47 1.90
N PHE A 397 -15.16 -16.58 1.21
CA PHE A 397 -14.99 -17.87 1.87
C PHE A 397 -13.78 -17.94 2.84
N ASP A 398 -12.70 -17.21 2.60
CA ASP A 398 -11.56 -17.29 3.53
C ASP A 398 -11.51 -16.14 4.49
N LYS A 399 -12.52 -15.27 4.43
CA LYS A 399 -12.77 -14.27 5.45
C LYS A 399 -11.58 -13.31 5.63
N ASN A 400 -10.98 -12.92 4.51
CA ASN A 400 -9.87 -12.01 4.50
C ASN A 400 -10.30 -10.65 4.06
N GLY A 401 -11.61 -10.49 3.86
CA GLY A 401 -12.19 -9.24 3.39
C GLY A 401 -12.07 -9.01 1.90
N PHE A 402 -11.68 -10.03 1.14
CA PHE A 402 -11.54 -9.86 -0.29
C PHE A 402 -12.18 -11.03 -0.97
N ILE A 403 -12.68 -10.78 -2.17
CA ILE A 403 -13.19 -11.84 -3.01
C ILE A 403 -12.12 -12.23 -4.01
N GLU A 404 -11.60 -13.43 -3.85
CA GLU A 404 -10.55 -13.92 -4.72
C GLU A 404 -11.14 -14.64 -5.91
N TYR A 405 -10.33 -14.84 -6.94
CA TYR A 405 -10.84 -15.45 -8.17
C TYR A 405 -11.54 -16.79 -7.98
N SER A 406 -11.05 -17.68 -7.13
CA SER A 406 -11.74 -18.96 -6.95
C SER A 406 -13.11 -18.76 -6.32
N GLU A 407 -13.14 -17.89 -5.32
CA GLU A 407 -14.36 -17.51 -4.64
C GLU A 407 -15.34 -16.96 -5.67
N PHE A 408 -14.84 -16.07 -6.52
CA PHE A 408 -15.65 -15.47 -7.57
C PHE A 408 -16.29 -16.53 -8.48
N VAL A 409 -15.48 -17.46 -8.96
CA VAL A 409 -15.96 -18.43 -9.91
C VAL A 409 -16.99 -19.33 -9.26
N THR A 410 -16.68 -19.80 -8.05
CA THR A 410 -17.62 -20.60 -7.28
C THR A 410 -19.02 -20.00 -7.33
N VAL A 411 -19.07 -18.70 -7.08
CA VAL A 411 -20.31 -18.01 -6.79
C VAL A 411 -20.95 -17.44 -8.03
N ALA A 412 -20.13 -17.06 -9.02
CA ALA A 412 -20.65 -16.43 -10.24
C ALA A 412 -21.16 -17.43 -11.27
N MET A 413 -20.75 -18.68 -11.15
CA MET A 413 -21.12 -19.66 -12.14
C MET A 413 -22.56 -20.04 -11.93
N ASP A 414 -23.24 -20.38 -13.00
CA ASP A 414 -24.61 -20.87 -12.90
C ASP A 414 -24.60 -22.14 -12.03
N ARG A 415 -25.39 -22.11 -10.94
CA ARG A 415 -25.41 -23.18 -9.94
C ARG A 415 -25.73 -24.52 -10.59
N LYS A 416 -26.69 -24.50 -11.52
CA LYS A 416 -27.17 -25.69 -12.22
C LYS A 416 -26.05 -26.31 -13.03
N THR A 417 -25.29 -25.46 -13.71
CA THR A 417 -24.15 -25.92 -14.47
C THR A 417 -23.07 -26.49 -13.55
N LEU A 418 -22.75 -25.75 -12.49
CA LEU A 418 -21.68 -26.13 -11.58
C LEU A 418 -22.03 -27.42 -10.88
N LEU A 419 -23.25 -27.52 -10.36
CA LEU A 419 -23.72 -28.69 -9.64
C LEU A 419 -24.08 -29.84 -10.57
N SER A 420 -23.18 -30.15 -11.50
CA SER A 420 -23.32 -31.32 -12.35
C SER A 420 -23.16 -32.54 -11.46
N ARG A 421 -23.65 -33.69 -11.91
CA ARG A 421 -23.68 -34.90 -11.10
C ARG A 421 -22.27 -35.42 -10.79
N GLN A 422 -21.40 -35.41 -11.79
CA GLN A 422 -20.00 -35.86 -11.62
C GLN A 422 -19.32 -35.08 -10.51
N ARG A 423 -19.43 -33.76 -10.65
CA ARG A 423 -18.91 -32.80 -9.70
C ARG A 423 -19.40 -33.17 -8.29
N LEU A 424 -20.71 -33.30 -8.17
CA LEU A 424 -21.37 -33.66 -6.91
C LEU A 424 -20.83 -34.92 -6.31
N GLU A 425 -20.76 -35.97 -7.12
CA GLU A 425 -20.29 -37.26 -6.67
C GLU A 425 -18.91 -37.05 -6.10
N ARG A 426 -18.02 -36.57 -6.96
CA ARG A 426 -16.60 -36.41 -6.63
C ARG A 426 -16.44 -35.61 -5.36
N ALA A 427 -17.21 -34.53 -5.23
CA ALA A 427 -17.13 -33.65 -4.07
C ALA A 427 -17.36 -34.42 -2.79
N PHE A 428 -18.47 -35.13 -2.73
CA PHE A 428 -18.79 -35.99 -1.58
C PHE A 428 -17.61 -36.92 -1.25
N GLY A 429 -17.13 -37.58 -2.30
CA GLY A 429 -15.96 -38.44 -2.23
C GLY A 429 -14.81 -37.85 -1.45
N MET A 430 -14.47 -36.59 -1.73
CA MET A 430 -13.32 -35.89 -1.11
C MET A 430 -13.57 -35.69 0.38
N PHE A 431 -14.81 -35.39 0.76
CA PHE A 431 -15.14 -35.14 2.15
C PHE A 431 -15.11 -36.45 2.91
N ASP A 432 -15.76 -37.45 2.35
CA ASP A 432 -15.96 -38.74 3.02
C ASP A 432 -14.71 -39.61 2.88
N ALA A 433 -13.67 -39.27 3.64
CA ALA A 433 -12.35 -39.93 3.52
C ALA A 433 -12.33 -41.42 3.86
N ASP A 434 -13.12 -41.82 4.86
CA ASP A 434 -13.22 -43.23 5.30
C ASP A 434 -14.09 -44.08 4.35
N GLY A 435 -14.60 -43.48 3.28
CA GLY A 435 -15.51 -44.17 2.36
C GLY A 435 -16.81 -44.68 2.96
N SER A 436 -17.13 -44.27 4.19
CA SER A 436 -18.29 -44.78 4.93
C SER A 436 -19.63 -44.43 4.31
N GLY A 437 -19.61 -43.57 3.29
CA GLY A 437 -20.81 -43.04 2.69
C GLY A 437 -21.44 -41.95 3.54
N LYS A 438 -20.76 -41.51 4.58
CA LYS A 438 -21.31 -40.55 5.55
C LYS A 438 -20.21 -39.59 6.09
N ILE A 439 -20.51 -38.30 6.03
CA ILE A 439 -19.57 -37.24 6.41
C ILE A 439 -19.63 -36.95 7.90
N SER A 440 -18.52 -37.20 8.57
CA SER A 440 -18.38 -36.87 9.99
C SER A 440 -17.76 -35.49 10.19
N SER A 441 -18.09 -34.85 11.31
CA SER A 441 -17.49 -33.58 11.68
C SER A 441 -15.96 -33.69 11.68
N SER A 442 -15.45 -34.84 12.08
CA SER A 442 -14.00 -35.09 12.05
C SER A 442 -13.48 -34.99 10.61
N GLU A 443 -14.19 -35.63 9.69
CA GLU A 443 -13.86 -35.53 8.26
C GLU A 443 -13.96 -34.08 7.77
N LEU A 444 -14.92 -33.34 8.30
CA LEU A 444 -15.05 -31.93 7.97
C LEU A 444 -13.82 -31.17 8.46
N ALA A 445 -13.45 -31.38 9.71
CA ALA A 445 -12.30 -30.70 10.30
C ALA A 445 -11.07 -30.97 9.48
N THR A 446 -10.92 -32.23 9.07
CA THR A 446 -9.77 -32.69 8.28
C THR A 446 -9.69 -31.92 6.98
N ILE A 447 -10.82 -31.76 6.31
CA ILE A 447 -10.78 -31.09 5.02
C ILE A 447 -10.42 -29.63 5.20
N PHE A 448 -10.92 -29.03 6.28
CA PHE A 448 -10.61 -27.62 6.62
C PHE A 448 -9.18 -27.37 7.07
N GLY A 449 -8.53 -28.41 7.59
CA GLY A 449 -7.13 -28.39 7.90
C GLY A 449 -6.95 -28.04 9.34
N VAL A 450 -7.90 -28.43 10.16
CA VAL A 450 -7.99 -27.97 11.51
C VAL A 450 -8.28 -29.18 12.42
N SER A 451 -7.87 -29.05 13.68
CA SER A 451 -7.86 -30.16 14.66
C SER A 451 -9.24 -30.72 14.93
N GLU A 452 -10.24 -29.83 14.99
CA GLU A 452 -11.60 -30.24 15.24
C GLU A 452 -12.52 -29.09 14.85
N VAL A 453 -13.78 -29.41 14.60
CA VAL A 453 -14.73 -28.37 14.24
C VAL A 453 -15.54 -27.96 15.46
N ASP A 454 -15.79 -26.66 15.61
CA ASP A 454 -16.60 -26.17 16.73
C ASP A 454 -17.96 -26.86 16.75
N SER A 455 -18.29 -27.39 17.91
CA SER A 455 -19.64 -27.91 18.16
C SER A 455 -20.69 -26.95 17.61
N GLU A 456 -20.40 -25.66 17.73
CA GLU A 456 -21.15 -24.55 17.12
C GLU A 456 -21.48 -24.80 15.67
N THR A 457 -20.42 -24.98 14.91
CA THR A 457 -20.49 -25.03 13.47
C THR A 457 -21.14 -26.31 12.99
N TRP A 458 -20.86 -27.40 13.69
CA TRP A 458 -21.42 -28.70 13.34
C TRP A 458 -22.93 -28.68 13.57
N ARG A 459 -23.33 -28.18 14.74
CA ARG A 459 -24.74 -27.97 15.05
C ARG A 459 -25.40 -27.20 13.91
N ARG A 460 -24.86 -26.02 13.62
CA ARG A 460 -25.44 -25.14 12.60
C ARG A 460 -25.48 -25.73 11.19
N VAL A 461 -24.96 -26.95 11.00
CA VAL A 461 -24.92 -27.57 9.67
C VAL A 461 -25.86 -28.74 9.61
N LEU A 462 -25.98 -29.47 10.71
CA LEU A 462 -26.80 -30.67 10.77
C LEU A 462 -28.25 -30.22 10.72
N ALA A 463 -28.63 -29.31 11.61
CA ALA A 463 -30.01 -28.81 11.64
C ALA A 463 -30.49 -28.34 10.25
N GLU A 464 -29.56 -28.01 9.35
CA GLU A 464 -29.90 -27.66 7.97
C GLU A 464 -29.69 -28.78 6.92
N VAL A 465 -29.09 -29.92 7.28
CA VAL A 465 -28.85 -31.00 6.31
C VAL A 465 -29.21 -32.44 6.75
N ASP A 466 -29.09 -32.73 8.04
CA ASP A 466 -29.20 -34.11 8.54
C ASP A 466 -30.63 -34.59 8.67
N ARG A 467 -31.18 -35.07 7.55
CA ARG A 467 -32.54 -35.63 7.51
C ARG A 467 -32.64 -36.98 8.25
N ASN A 468 -31.81 -37.99 7.94
CA ASN A 468 -31.95 -39.25 8.73
C ASN A 468 -31.90 -38.89 10.20
N ASN A 469 -31.09 -37.89 10.53
CA ASN A 469 -30.78 -37.53 11.91
C ASN A 469 -29.90 -38.58 12.56
N ASP A 470 -28.97 -39.14 11.77
CA ASP A 470 -27.93 -40.08 12.25
C ASP A 470 -26.63 -39.39 12.73
N GLY A 471 -26.61 -38.05 12.73
CA GLY A 471 -25.47 -37.27 13.19
C GLY A 471 -24.43 -37.02 12.11
N GLU A 472 -24.74 -37.41 10.88
CA GLU A 472 -23.80 -37.32 9.75
C GLU A 472 -24.54 -36.99 8.44
N VAL A 473 -23.76 -36.63 7.41
CA VAL A 473 -24.31 -36.26 6.10
C VAL A 473 -23.94 -37.29 5.03
N ASP A 474 -24.97 -37.91 4.45
CA ASP A 474 -24.81 -38.90 3.37
C ASP A 474 -24.98 -38.25 1.99
N PHE A 475 -24.76 -39.01 0.94
CA PHE A 475 -24.70 -38.47 -0.44
C PHE A 475 -25.98 -37.78 -0.92
N GLU A 476 -27.13 -38.16 -0.37
CA GLU A 476 -28.39 -37.56 -0.79
C GLU A 476 -28.72 -36.34 0.07
N GLU A 477 -28.47 -36.44 1.38
CA GLU A 477 -28.49 -35.29 2.27
C GLU A 477 -27.60 -34.17 1.73
N PHE A 478 -26.38 -34.56 1.32
CA PHE A 478 -25.42 -33.66 0.65
C PHE A 478 -26.04 -33.01 -0.58
N ARG A 479 -26.54 -33.85 -1.48
CA ARG A 479 -27.17 -33.40 -2.73
C ARG A 479 -28.18 -32.28 -2.45
N GLN A 480 -29.20 -32.60 -1.65
CA GLN A 480 -30.30 -31.67 -1.37
C GLN A 480 -29.81 -30.33 -0.85
N MET A 481 -28.84 -30.40 0.05
CA MET A 481 -28.28 -29.20 0.72
C MET A 481 -27.83 -28.16 -0.28
N LEU A 482 -27.08 -28.61 -1.28
CA LEU A 482 -26.54 -27.76 -2.35
C LEU A 482 -27.58 -27.47 -3.41
N LEU A 483 -28.34 -28.51 -3.74
CA LEU A 483 -29.37 -28.39 -4.74
C LEU A 483 -30.58 -27.63 -4.23
N LYS A 484 -30.66 -27.38 -2.92
CA LYS A 484 -31.60 -26.43 -2.36
C LYS A 484 -31.16 -25.04 -2.84
N LEU A 485 -31.39 -24.81 -4.14
CA LEU A 485 -30.90 -23.65 -4.89
C LEU A 485 -29.80 -22.85 -4.22
N ASP B 11 16.68 -4.58 18.27
CA ASP B 11 16.10 -3.39 18.99
C ASP B 11 17.02 -2.18 18.91
N LYS B 12 17.13 -1.63 17.70
CA LYS B 12 17.78 -0.33 17.49
C LYS B 12 17.05 0.80 18.21
N LEU B 13 17.84 1.67 18.87
CA LEU B 13 17.31 2.86 19.56
C LEU B 13 16.94 3.91 18.55
N ALA B 14 15.66 4.20 18.44
CA ALA B 14 15.17 5.08 17.42
C ALA B 14 15.10 6.47 17.98
N ALA B 15 15.87 7.39 17.42
CA ALA B 15 15.69 8.77 17.75
C ALA B 15 14.51 9.36 16.95
N THR B 16 13.56 9.93 17.67
CA THR B 16 12.38 10.53 17.08
C THR B 16 12.15 11.89 17.70
N PRO B 17 11.54 12.80 16.95
CA PRO B 17 11.30 14.12 17.54
C PRO B 17 10.46 14.01 18.82
N GLY B 18 9.51 13.11 18.80
CA GLY B 18 8.56 13.02 19.88
C GLY B 18 9.16 12.58 21.19
N MET B 19 10.28 11.85 21.15
CA MET B 19 10.86 11.36 22.40
C MET B 19 11.33 12.51 23.32
N PHE B 20 11.53 13.68 22.74
CA PHE B 20 11.97 14.83 23.50
C PHE B 20 10.87 15.56 24.27
N VAL B 21 9.61 15.31 23.90
CA VAL B 21 8.50 16.21 24.28
C VAL B 21 8.22 16.27 25.78
N GLN B 22 7.87 15.13 26.38
CA GLN B 22 7.45 15.10 27.79
C GLN B 22 8.60 15.11 28.77
N HIS B 23 9.81 15.17 28.22
CA HIS B 23 11.03 14.82 28.92
C HIS B 23 11.42 15.82 30.02
N SER B 24 11.32 17.11 29.73
CA SER B 24 11.50 18.14 30.78
C SER B 24 10.33 18.06 31.77
N THR B 25 10.59 18.30 33.06
CA THR B 25 9.50 18.45 34.02
C THR B 25 9.82 19.64 34.92
N ALA B 26 10.24 20.74 34.28
CA ALA B 26 10.64 21.96 34.93
C ALA B 26 9.43 22.88 35.09
N ALA B 27 9.64 24.09 35.62
CA ALA B 27 8.57 25.06 35.74
C ALA B 27 8.49 25.89 34.51
N PHE B 28 7.30 26.44 34.30
CA PHE B 28 7.06 27.29 33.15
C PHE B 28 8.14 28.36 33.10
N SER B 29 8.27 29.06 34.21
CA SER B 29 9.22 30.17 34.27
C SER B 29 10.69 29.78 34.18
N ASP B 30 11.02 28.53 34.41
CA ASP B 30 12.37 28.05 34.17
C ASP B 30 12.76 28.17 32.72
N ARG B 31 11.81 28.19 31.80
CA ARG B 31 12.19 28.33 30.39
C ARG B 31 11.59 29.52 29.68
N TYR B 32 10.45 30.03 30.16
CA TYR B 32 9.70 31.05 29.41
C TYR B 32 9.37 32.32 30.20
N LYS B 33 9.15 33.37 29.40
CA LYS B 33 8.69 34.68 29.84
C LYS B 33 7.44 35.01 29.01
N GLY B 34 6.32 35.28 29.67
CA GLY B 34 5.08 35.61 28.96
C GLY B 34 5.12 37.00 28.38
N GLN B 35 4.43 37.19 27.27
CA GLN B 35 4.43 38.47 26.56
C GLN B 35 3.01 39.01 26.48
N ARG B 36 2.12 38.22 25.89
CA ARG B 36 0.71 38.57 25.93
C ARG B 36 -0.17 37.34 25.76
N VAL B 37 -1.47 37.52 25.87
CA VAL B 37 -2.39 36.41 25.74
C VAL B 37 -2.80 36.34 24.28
N LEU B 38 -2.88 35.13 23.76
CA LEU B 38 -3.29 34.89 22.35
C LEU B 38 -4.69 34.35 22.25
N GLY B 39 -5.30 34.02 23.38
CA GLY B 39 -6.62 33.44 23.39
C GLY B 39 -7.01 32.90 24.74
N LYS B 40 -8.28 32.60 24.88
CA LYS B 40 -8.78 31.97 26.07
C LYS B 40 -10.03 31.21 25.67
N GLY B 41 -10.34 30.17 26.42
CA GLY B 41 -11.60 29.47 26.27
C GLY B 41 -11.80 28.94 27.65
N SER B 42 -12.90 28.23 27.88
CA SER B 42 -13.12 27.60 29.20
C SER B 42 -11.97 26.63 29.57
N PHE B 43 -11.45 25.96 28.54
CA PHE B 43 -10.31 24.99 28.63
C PHE B 43 -8.98 25.47 29.27
N GLY B 44 -8.61 26.74 29.06
CA GLY B 44 -7.27 27.23 29.37
C GLY B 44 -6.94 28.39 28.45
N GLU B 45 -5.75 28.95 28.61
CA GLU B 45 -5.35 30.06 27.76
C GLU B 45 -4.05 29.81 27.02
N VAL B 46 -3.88 30.47 25.88
CA VAL B 46 -2.67 30.36 25.09
C VAL B 46 -1.94 31.67 25.26
N ILE B 47 -0.67 31.54 25.62
CA ILE B 47 0.14 32.66 26.00
C ILE B 47 1.26 32.73 24.99
N LEU B 48 1.58 33.92 24.52
CA LEU B 48 2.74 34.10 23.68
C LEU B 48 3.89 34.19 24.63
N CYS B 49 4.84 33.28 24.55
CA CYS B 49 5.99 33.34 25.44
C CYS B 49 7.27 33.45 24.69
N LYS B 50 8.27 33.96 25.40
CA LYS B 50 9.59 34.15 24.86
C LYS B 50 10.46 33.18 25.63
N ASP B 51 11.20 32.37 24.89
CA ASP B 51 12.16 31.47 25.50
C ASP B 51 13.17 32.38 26.14
N LYS B 52 13.49 32.17 27.42
CA LYS B 52 14.43 33.07 28.13
C LYS B 52 15.83 33.02 27.54
N VAL B 53 16.30 31.81 27.20
CA VAL B 53 17.67 31.61 26.71
C VAL B 53 17.84 32.05 25.24
N THR B 54 16.86 31.72 24.40
CA THR B 54 17.00 31.80 22.94
C THR B 54 16.27 33.03 22.37
N GLY B 55 15.45 33.68 23.19
CA GLY B 55 14.58 34.76 22.72
C GLY B 55 13.56 34.38 21.66
N GLN B 56 13.49 33.11 21.31
CA GLN B 56 12.53 32.69 20.31
C GLN B 56 11.09 32.79 20.86
N GLU B 57 10.11 32.86 19.96
CA GLU B 57 8.73 33.09 20.35
C GLU B 57 7.87 31.87 20.17
N TYR B 58 7.28 31.39 21.27
CA TYR B 58 6.47 30.17 21.25
C TYR B 58 5.02 30.45 21.68
N ALA B 59 4.14 29.48 21.44
CA ALA B 59 2.76 29.55 21.88
C ALA B 59 2.55 28.54 22.97
N VAL B 60 2.20 28.99 24.16
CA VAL B 60 2.06 28.05 25.29
C VAL B 60 0.64 28.01 25.76
N LYS B 61 0.04 26.83 25.70
CA LYS B 61 -1.31 26.63 26.18
C LYS B 61 -1.17 26.16 27.57
N VAL B 62 -1.90 26.78 28.47
CA VAL B 62 -1.81 26.55 29.90
C VAL B 62 -3.14 26.01 30.38
N ILE B 63 -3.18 24.81 30.93
CA ILE B 63 -4.46 24.23 31.34
C ILE B 63 -4.49 23.99 32.82
N SER B 64 -5.50 24.52 33.49
CA SER B 64 -5.66 24.28 34.90
C SER B 64 -6.17 22.90 35.05
N LYS B 65 -5.57 22.15 35.94
CA LYS B 65 -5.96 20.78 36.16
C LYS B 65 -7.40 20.81 36.52
N ARG B 66 -7.71 21.73 37.41
CA ARG B 66 -9.05 21.83 37.88
C ARG B 66 -9.94 22.06 36.70
N GLN B 67 -9.42 22.66 35.65
CA GLN B 67 -10.23 22.93 34.49
C GLN B 67 -10.78 21.64 33.95
N VAL B 68 -9.94 20.63 33.88
CA VAL B 68 -10.37 19.38 33.34
C VAL B 68 -9.52 18.27 33.92
N LYS B 69 -9.78 17.96 35.18
CA LYS B 69 -9.04 16.90 35.84
C LYS B 69 -9.98 15.78 36.24
N GLN B 70 -11.19 15.79 35.70
CA GLN B 70 -12.13 14.70 35.93
C GLN B 70 -11.40 13.55 35.26
N LYS B 71 -11.70 12.30 35.60
CA LYS B 71 -10.89 11.18 35.07
C LYS B 71 -10.86 10.98 33.53
N THR B 72 -11.99 11.02 32.84
CA THR B 72 -11.98 10.80 31.41
C THR B 72 -11.17 11.87 30.76
N ASP B 73 -11.39 13.09 31.22
CA ASP B 73 -10.78 14.20 30.55
C ASP B 73 -9.27 14.27 30.59
N LYS B 74 -8.64 13.86 31.69
CA LYS B 74 -7.19 13.91 31.71
C LYS B 74 -6.71 13.00 30.61
N GLU B 75 -7.32 11.84 30.47
CA GLU B 75 -6.87 10.90 29.47
C GLU B 75 -7.04 11.43 28.06
N LEU B 76 -8.06 12.25 27.83
CA LEU B 76 -8.26 12.80 26.49
C LEU B 76 -7.09 13.69 26.10
N LEU B 77 -6.69 14.57 27.02
CA LEU B 77 -5.63 15.49 26.74
C LEU B 77 -4.33 14.74 26.55
N LEU B 78 -4.02 13.83 27.47
CA LEU B 78 -2.82 13.04 27.34
C LEU B 78 -2.78 12.40 25.96
N LYS B 79 -3.96 12.03 25.45
CA LYS B 79 -4.07 11.41 24.13
C LYS B 79 -3.76 12.34 22.94
N GLU B 80 -4.30 13.57 22.99
CA GLU B 80 -3.94 14.57 21.98
C GLU B 80 -2.43 14.77 21.99
N VAL B 81 -1.84 14.70 23.17
CA VAL B 81 -0.40 14.83 23.34
C VAL B 81 0.36 13.73 22.61
N GLU B 82 -0.09 12.49 22.77
CA GLU B 82 0.61 11.38 22.10
C GLU B 82 0.48 11.46 20.60
N LEU B 83 -0.65 11.94 20.09
CA LEU B 83 -0.81 12.15 18.65
C LEU B 83 0.21 13.10 18.13
N LEU B 84 0.30 14.25 18.79
CA LEU B 84 1.17 15.32 18.38
C LEU B 84 2.63 14.91 18.45
N LYS B 85 3.03 14.23 19.50
CA LYS B 85 4.37 13.64 19.60
C LYS B 85 4.74 12.82 18.37
N LYS B 86 3.75 12.14 17.80
CA LYS B 86 3.94 11.24 16.68
C LYS B 86 4.05 11.97 15.37
N LEU B 87 3.27 13.04 15.22
CA LEU B 87 3.17 13.75 13.95
C LEU B 87 4.34 14.64 13.68
N ASP B 88 4.77 14.70 12.42
CA ASP B 88 5.90 15.52 12.02
C ASP B 88 5.81 15.71 10.51
N HIS B 89 5.30 16.86 10.10
CA HIS B 89 4.92 17.12 8.72
C HIS B 89 4.85 18.65 8.58
N PRO B 90 5.38 19.19 7.48
CA PRO B 90 5.47 20.65 7.27
C PRO B 90 4.17 21.42 7.29
N ASN B 91 3.08 20.75 6.96
CA ASN B 91 1.73 21.33 7.02
C ASN B 91 0.88 20.90 8.23
N ILE B 92 1.47 20.23 9.21
CA ILE B 92 0.73 19.86 10.41
C ILE B 92 1.37 20.51 11.64
N MET B 93 0.54 20.85 12.62
CA MET B 93 1.01 21.50 13.83
C MET B 93 2.15 20.77 14.51
N LYS B 94 3.13 21.52 14.96
CA LYS B 94 4.31 20.99 15.63
C LYS B 94 4.14 21.19 17.13
N LEU B 95 4.30 20.10 17.89
CA LEU B 95 4.34 20.20 19.36
C LEU B 95 5.78 20.18 19.86
N TYR B 96 6.18 21.11 20.71
CA TYR B 96 7.56 21.22 21.10
C TYR B 96 7.80 20.58 22.50
N GLU B 97 6.93 20.87 23.45
CA GLU B 97 7.11 20.40 24.84
C GLU B 97 5.76 20.17 25.51
N PHE B 98 5.75 19.25 26.48
CA PHE B 98 4.63 19.07 27.39
C PHE B 98 5.14 19.10 28.82
N PHE B 99 4.63 20.03 29.64
CA PHE B 99 5.12 20.23 31.02
C PHE B 99 4.03 19.82 31.99
N GLU B 100 4.42 19.69 33.25
CA GLU B 100 3.44 19.56 34.30
C GLU B 100 3.80 20.37 35.51
N ASP B 101 2.76 20.85 36.17
CA ASP B 101 2.85 21.61 37.38
C ASP B 101 2.07 20.94 38.48
N LYS B 102 2.18 21.52 39.67
CA LYS B 102 1.36 21.12 40.79
C LYS B 102 -0.11 21.20 40.40
N GLY B 103 -0.50 22.23 39.66
CA GLY B 103 -1.88 22.43 39.25
C GLY B 103 -2.08 22.82 37.80
N TYR B 104 -1.12 22.47 36.95
CA TYR B 104 -1.13 22.95 35.58
C TYR B 104 -0.40 22.01 34.60
N PHE B 105 -0.86 22.02 33.36
CA PHE B 105 -0.21 21.33 32.26
C PHE B 105 0.16 22.39 31.23
N TYR B 106 1.27 22.21 30.53
CA TYR B 106 1.70 23.21 29.55
C TYR B 106 2.01 22.53 28.24
N LEU B 107 1.40 23.05 27.18
CA LEU B 107 1.70 22.59 25.82
C LEU B 107 2.41 23.66 25.06
N VAL B 108 3.69 23.48 24.82
CA VAL B 108 4.39 24.46 24.03
C VAL B 108 4.28 24.09 22.57
N THR B 109 3.54 24.92 21.83
CA THR B 109 3.38 24.79 20.38
C THR B 109 4.08 25.93 19.63
N GLU B 110 4.32 25.69 18.35
CA GLU B 110 4.80 26.72 17.47
C GLU B 110 3.77 27.82 17.30
N VAL B 111 4.25 29.05 17.14
CA VAL B 111 3.36 30.18 16.93
C VAL B 111 3.16 30.36 15.45
N TYR B 112 1.90 30.49 15.04
CA TYR B 112 1.53 30.65 13.63
C TYR B 112 0.86 32.02 13.47
N THR B 113 1.59 32.93 12.83
CA THR B 113 1.28 34.34 12.91
C THR B 113 0.28 34.81 11.86
N GLY B 114 -0.22 33.91 11.01
CA GLY B 114 -1.07 34.31 9.89
C GLY B 114 -2.54 34.28 10.18
N GLY B 115 -2.91 33.73 11.33
CA GLY B 115 -4.33 33.57 11.64
C GLY B 115 -5.09 32.61 10.70
N GLU B 116 -6.41 32.54 10.88
CA GLU B 116 -7.20 31.43 10.33
C GLU B 116 -7.45 31.60 8.85
N LEU B 117 -7.56 30.47 8.18
CA LEU B 117 -7.97 30.47 6.77
C LEU B 117 -9.35 31.11 6.66
N PHE B 118 -10.16 30.89 7.69
CA PHE B 118 -11.50 31.48 7.74
C PHE B 118 -11.39 32.98 7.47
N ASP B 119 -10.64 33.67 8.33
CA ASP B 119 -10.51 35.13 8.23
C ASP B 119 -9.96 35.57 6.88
N GLU B 120 -9.04 34.80 6.30
CA GLU B 120 -8.56 35.09 4.96
C GLU B 120 -9.65 34.87 3.92
N ILE B 121 -10.57 33.96 4.21
CA ILE B 121 -11.75 33.74 3.38
C ILE B 121 -12.67 34.97 3.42
N ILE B 122 -13.01 35.40 4.62
CA ILE B 122 -13.98 36.46 4.76
C ILE B 122 -13.34 37.81 4.43
N SER B 123 -12.09 37.84 3.96
CA SER B 123 -11.56 39.12 3.48
C SER B 123 -11.46 39.27 1.96
N ARG B 124 -11.10 38.19 1.23
CA ARG B 124 -11.01 38.24 -0.23
C ARG B 124 -12.24 37.70 -0.98
N LYS B 125 -12.85 36.67 -0.40
CA LYS B 125 -14.10 36.08 -0.87
C LYS B 125 -13.98 34.93 -1.84
N ARG B 126 -12.91 34.83 -2.61
CA ARG B 126 -12.78 33.74 -3.55
C ARG B 126 -11.31 33.52 -3.83
N PHE B 127 -10.91 32.30 -4.11
CA PHE B 127 -9.50 32.05 -4.33
C PHE B 127 -9.18 31.72 -5.77
N SER B 128 -8.03 32.22 -6.22
CA SER B 128 -7.50 31.84 -7.51
C SER B 128 -7.39 30.31 -7.56
N GLU B 129 -7.69 29.72 -8.72
CA GLU B 129 -7.49 28.28 -8.94
C GLU B 129 -6.07 27.83 -8.56
N VAL B 130 -5.08 28.65 -8.92
CA VAL B 130 -3.68 28.42 -8.54
C VAL B 130 -3.54 28.41 -7.02
N ASP B 131 -4.08 29.46 -6.41
CA ASP B 131 -4.02 29.66 -4.97
C ASP B 131 -4.64 28.50 -4.22
N ALA B 132 -5.84 28.15 -4.66
CA ALA B 132 -6.63 27.13 -3.98
C ALA B 132 -6.02 25.76 -4.14
N ALA B 133 -5.48 25.45 -5.31
CA ALA B 133 -4.81 24.17 -5.51
C ALA B 133 -3.62 24.04 -4.57
N ARG B 134 -2.80 25.09 -4.48
CA ARG B 134 -1.62 25.07 -3.61
C ARG B 134 -2.01 24.82 -2.15
N ILE B 135 -3.05 25.53 -1.71
CA ILE B 135 -3.55 25.40 -0.35
C ILE B 135 -4.06 23.99 -0.08
N ILE B 136 -4.93 23.52 -0.97
CA ILE B 136 -5.60 22.22 -0.81
C ILE B 136 -4.58 21.09 -0.93
N ARG B 137 -3.64 21.25 -1.84
CA ARG B 137 -2.53 20.32 -1.99
C ARG B 137 -1.89 20.03 -0.63
N GLN B 138 -1.53 21.11 0.08
CA GLN B 138 -0.93 21.04 1.42
C GLN B 138 -1.82 20.29 2.42
N VAL B 139 -3.09 20.68 2.46
CA VAL B 139 -4.08 20.01 3.31
C VAL B 139 -4.06 18.52 3.09
N LEU B 140 -4.24 18.10 1.85
CA LEU B 140 -4.30 16.69 1.53
C LEU B 140 -2.99 15.99 1.87
N SER B 141 -1.87 16.67 1.64
CA SER B 141 -0.59 16.09 2.04
C SER B 141 -0.51 15.85 3.55
N GLY B 142 -0.92 16.84 4.33
CA GLY B 142 -1.08 16.65 5.76
C GLY B 142 -1.83 15.39 6.07
N ILE B 143 -3.01 15.27 5.48
CA ILE B 143 -3.92 14.20 5.89
C ILE B 143 -3.55 12.84 5.28
N THR B 144 -2.93 12.84 4.10
CA THR B 144 -2.38 11.62 3.53
C THR B 144 -1.43 11.02 4.51
N TYR B 145 -0.57 11.87 5.03
CA TYR B 145 0.38 11.54 6.08
C TYR B 145 -0.35 10.99 7.29
N MET B 146 -1.37 11.70 7.75
CA MET B 146 -2.09 11.30 8.95
C MET B 146 -2.76 9.95 8.75
N HIS B 147 -3.51 9.87 7.66
CA HIS B 147 -4.22 8.65 7.32
C HIS B 147 -3.24 7.51 7.16
N LYS B 148 -2.09 7.74 6.54
CA LYS B 148 -1.09 6.69 6.43
C LYS B 148 -0.72 6.19 7.83
N ASN B 149 -0.57 7.13 8.77
CA ASN B 149 -0.16 6.81 10.13
C ASN B 149 -1.30 6.48 11.08
N LYS B 150 -2.46 6.12 10.52
CA LYS B 150 -3.63 5.67 11.27
C LYS B 150 -4.19 6.73 12.21
N ILE B 151 -4.28 7.95 11.72
CA ILE B 151 -4.89 9.05 12.47
C ILE B 151 -5.87 9.79 11.58
N VAL B 152 -7.11 9.93 12.06
CA VAL B 152 -8.13 10.68 11.33
C VAL B 152 -8.50 11.91 12.14
N HIS B 153 -8.66 13.02 11.45
CA HIS B 153 -8.83 14.31 12.12
C HIS B 153 -10.24 14.55 12.62
N ARG B 154 -11.23 14.41 11.74
CA ARG B 154 -12.64 14.49 12.13
C ARG B 154 -13.24 15.87 12.17
N ASP B 155 -12.42 16.86 11.90
CA ASP B 155 -12.83 18.25 12.11
C ASP B 155 -11.85 19.07 11.30
N LEU B 156 -12.07 19.04 10.00
CA LEU B 156 -11.37 19.95 9.14
C LEU B 156 -12.30 21.08 8.80
N LYS B 157 -11.69 22.23 8.58
CA LYS B 157 -12.39 23.46 8.26
C LYS B 157 -11.39 24.60 8.28
N PRO B 158 -11.67 25.70 7.56
CA PRO B 158 -10.79 26.85 7.59
C PRO B 158 -10.50 27.35 9.02
N GLU B 159 -11.43 27.11 9.93
CA GLU B 159 -11.26 27.47 11.33
C GLU B 159 -10.08 26.69 11.94
N ASN B 160 -9.83 25.49 11.43
CA ASN B 160 -8.76 24.62 11.94
C ASN B 160 -7.58 24.52 10.99
N LEU B 161 -7.42 25.54 10.16
CA LEU B 161 -6.22 25.71 9.37
C LEU B 161 -5.67 27.10 9.58
N LEU B 162 -4.38 27.20 9.84
CA LEU B 162 -3.79 28.50 10.04
C LEU B 162 -2.68 28.70 9.03
N LEU B 163 -2.50 29.95 8.62
CA LEU B 163 -1.39 30.29 7.74
C LEU B 163 -0.23 30.61 8.67
N GLU B 164 0.96 30.11 8.35
CA GLU B 164 2.13 30.20 9.24
C GLU B 164 2.52 31.63 9.57
N ASN B 165 2.36 32.50 8.59
CA ASN B 165 2.80 33.87 8.67
C ASN B 165 1.91 34.74 7.78
N LYS B 166 2.40 35.90 7.38
CA LYS B 166 1.60 36.90 6.69
C LYS B 166 1.95 37.09 5.23
N ARG B 167 2.89 36.32 4.71
CA ARG B 167 3.29 36.43 3.30
C ARG B 167 2.11 36.00 2.43
N LYS B 168 2.11 36.41 1.17
CA LYS B 168 0.91 36.24 0.32
C LYS B 168 0.56 34.78 0.05
N ASP B 169 1.57 33.96 -0.19
CA ASP B 169 1.35 32.55 -0.49
C ASP B 169 2.00 31.73 0.61
N ALA B 170 1.61 32.06 1.83
CA ALA B 170 2.17 31.43 3.00
C ALA B 170 1.75 29.96 3.13
N ASN B 171 2.58 29.20 3.82
CA ASN B 171 2.33 27.79 4.06
C ASN B 171 1.18 27.63 5.05
N ILE B 172 0.51 26.48 4.99
CA ILE B 172 -0.67 26.20 5.81
C ILE B 172 -0.39 25.12 6.85
N ARG B 173 -0.98 25.27 8.03
CA ARG B 173 -0.84 24.30 9.10
C ARG B 173 -2.18 23.86 9.66
N ILE B 174 -2.29 22.56 9.90
CA ILE B 174 -3.50 21.93 10.42
C ILE B 174 -3.46 21.99 11.94
N ILE B 175 -4.60 22.20 12.58
CA ILE B 175 -4.61 22.43 14.03
C ILE B 175 -5.81 21.82 14.81
N ASP B 176 -5.83 22.04 16.13
CA ASP B 176 -6.86 21.56 17.06
C ASP B 176 -7.22 20.14 16.77
N PHE B 177 -6.29 19.28 17.18
CA PHE B 177 -6.46 17.82 17.11
C PHE B 177 -7.27 17.27 18.32
N GLY B 178 -8.13 18.13 18.90
CA GLY B 178 -8.97 17.76 20.04
C GLY B 178 -10.13 16.83 19.70
N LEU B 179 -10.49 16.72 18.43
CA LEU B 179 -11.51 15.76 18.00
C LEU B 179 -10.89 14.64 17.17
N SER B 180 -9.57 14.62 17.09
CA SER B 180 -8.89 13.64 16.26
C SER B 180 -8.76 12.32 17.01
N THR B 181 -8.59 11.22 16.28
CA THR B 181 -8.39 9.91 16.93
C THR B 181 -7.57 8.92 16.07
N HIS B 182 -7.08 7.88 16.75
CA HIS B 182 -6.45 6.75 16.09
C HIS B 182 -7.50 5.86 15.46
N PHE B 183 -7.14 5.20 14.38
CA PHE B 183 -8.08 4.30 13.73
C PHE B 183 -7.39 3.03 13.26
N GLU B 184 -8.12 1.92 13.30
CA GLU B 184 -7.64 0.67 12.75
C GLU B 184 -8.61 0.35 11.62
N SER B 185 -8.09 0.03 10.43
CA SER B 185 -8.95 -0.22 9.26
C SER B 185 -10.05 -1.24 9.52
N THR B 186 -9.75 -2.23 10.36
CA THR B 186 -10.65 -3.37 10.56
C THR B 186 -11.95 -3.00 11.30
N LYS B 187 -11.91 -2.01 12.20
CA LYS B 187 -13.12 -1.50 12.84
C LYS B 187 -13.54 -0.16 12.18
N LYS B 188 -14.77 0.31 12.41
CA LYS B 188 -15.16 1.67 11.97
C LYS B 188 -15.63 2.50 13.16
N MET B 189 -15.43 3.81 13.08
CA MET B 189 -15.70 4.69 14.22
C MET B 189 -17.17 5.08 14.29
N LYS B 190 -17.57 5.53 15.48
CA LYS B 190 -18.98 5.73 15.82
C LYS B 190 -19.32 7.14 16.30
N ASP B 191 -18.44 7.76 17.08
CA ASP B 191 -18.72 9.05 17.70
C ASP B 191 -19.13 10.11 16.69
N LYS B 192 -20.15 10.89 17.03
CA LYS B 192 -20.68 11.91 16.12
C LYS B 192 -20.00 13.24 16.43
N ILE B 193 -18.99 13.57 15.61
CA ILE B 193 -18.04 14.64 15.89
C ILE B 193 -17.70 15.34 14.58
N GLY B 194 -17.68 16.67 14.60
CA GLY B 194 -17.48 17.45 13.38
C GLY B 194 -18.26 18.76 13.42
N THR B 195 -18.46 19.38 12.26
CA THR B 195 -19.06 20.71 12.17
C THR B 195 -20.10 20.73 11.05
N ALA B 196 -21.16 21.48 11.27
CA ALA B 196 -22.32 21.49 10.39
C ALA B 196 -21.98 21.44 8.91
N TYR B 197 -21.26 22.45 8.44
CA TYR B 197 -21.11 22.65 7.01
C TYR B 197 -20.18 21.60 6.42
N TYR B 198 -19.25 21.07 7.22
CA TYR B 198 -18.16 20.21 6.70
C TYR B 198 -18.31 18.72 6.95
N ILE B 199 -19.22 18.34 7.85
CA ILE B 199 -19.26 16.98 8.36
C ILE B 199 -19.91 16.04 7.32
N ALA B 200 -19.33 14.85 7.19
CA ALA B 200 -19.72 13.91 6.14
C ALA B 200 -20.87 13.05 6.57
N PRO B 201 -21.75 12.73 5.60
CA PRO B 201 -22.97 12.00 5.90
C PRO B 201 -22.74 10.81 6.82
N GLU B 202 -21.77 9.97 6.49
CA GLU B 202 -21.62 8.74 7.22
C GLU B 202 -21.38 8.96 8.72
N VAL B 203 -20.82 10.11 9.07
CA VAL B 203 -20.57 10.43 10.47
C VAL B 203 -21.86 10.68 11.23
N LEU B 204 -22.86 11.19 10.52
CA LEU B 204 -24.17 11.42 11.10
C LEU B 204 -24.81 10.08 11.38
N HIS B 205 -24.66 9.15 10.44
CA HIS B 205 -25.20 7.80 10.57
C HIS B 205 -24.66 7.01 11.76
N GLY B 206 -23.39 7.24 12.11
CA GLY B 206 -22.75 6.57 13.23
C GLY B 206 -21.62 5.63 12.86
N THR B 207 -21.51 5.25 11.59
CA THR B 207 -20.35 4.50 11.14
C THR B 207 -19.59 5.31 10.10
N TYR B 208 -18.32 5.56 10.38
CA TYR B 208 -17.49 6.26 9.42
C TYR B 208 -16.02 5.87 9.51
N ASP B 209 -15.27 6.30 8.50
CA ASP B 209 -13.83 6.00 8.37
C ASP B 209 -13.04 7.29 8.11
N GLU B 210 -11.74 7.18 7.94
CA GLU B 210 -10.91 8.36 7.68
C GLU B 210 -11.34 9.17 6.44
N LYS B 211 -12.05 8.54 5.52
CA LYS B 211 -12.55 9.25 4.35
C LYS B 211 -13.38 10.52 4.66
N CYS B 212 -13.98 10.59 5.86
CA CYS B 212 -14.70 11.83 6.26
C CYS B 212 -13.82 13.05 6.12
N ASP B 213 -12.54 12.94 6.47
CA ASP B 213 -11.58 14.03 6.27
C ASP B 213 -11.52 14.46 4.84
N VAL B 214 -11.61 13.51 3.90
CA VAL B 214 -11.66 13.87 2.47
C VAL B 214 -12.90 14.72 2.16
N TRP B 215 -14.07 14.24 2.54
CA TRP B 215 -15.32 14.97 2.41
C TRP B 215 -15.22 16.41 2.89
N SER B 216 -14.77 16.58 4.14
CA SER B 216 -14.56 17.91 4.68
C SER B 216 -13.64 18.75 3.81
N THR B 217 -12.53 18.18 3.35
CA THR B 217 -11.61 18.87 2.49
C THR B 217 -12.31 19.24 1.20
N GLY B 218 -13.16 18.36 0.73
CA GLY B 218 -13.93 18.63 -0.48
C GLY B 218 -14.88 19.79 -0.27
N VAL B 219 -15.45 19.88 0.91
CA VAL B 219 -16.32 21.00 1.25
C VAL B 219 -15.45 22.25 1.28
N ILE B 220 -14.29 22.15 1.92
CA ILE B 220 -13.42 23.29 1.99
C ILE B 220 -13.08 23.78 0.60
N LEU B 221 -12.74 22.86 -0.29
CA LEU B 221 -12.35 23.26 -1.65
C LEU B 221 -13.48 23.97 -2.39
N TYR B 222 -14.71 23.50 -2.20
CA TYR B 222 -15.89 24.12 -2.80
C TYR B 222 -15.96 25.59 -2.38
N ILE B 223 -15.80 25.81 -1.08
CA ILE B 223 -15.85 27.17 -0.50
C ILE B 223 -14.74 28.05 -1.08
N LEU B 224 -13.52 27.52 -1.16
CA LEU B 224 -12.39 28.29 -1.65
C LEU B 224 -12.64 28.81 -3.04
N LEU B 225 -13.20 27.96 -3.88
CA LEU B 225 -13.38 28.33 -5.26
C LEU B 225 -14.61 29.19 -5.48
N SER B 226 -15.65 29.03 -4.67
CA SER B 226 -16.89 29.78 -4.91
C SER B 226 -17.34 30.76 -3.84
N GLY B 227 -16.68 30.75 -2.68
CA GLY B 227 -17.06 31.60 -1.56
C GLY B 227 -18.27 31.18 -0.76
N CYS B 228 -18.93 30.12 -1.22
CA CYS B 228 -20.16 29.67 -0.58
C CYS B 228 -20.05 28.18 -0.22
N PRO B 229 -20.74 27.73 0.84
CA PRO B 229 -20.82 26.30 1.08
C PRO B 229 -21.63 25.60 0.01
N PRO B 230 -21.35 24.33 -0.24
CA PRO B 230 -22.16 23.59 -1.21
C PRO B 230 -23.50 23.16 -0.61
N PHE B 231 -23.50 23.00 0.72
CA PHE B 231 -24.70 22.70 1.48
C PHE B 231 -24.88 23.84 2.48
N ASN B 232 -26.06 24.43 2.43
CA ASN B 232 -26.37 25.58 3.25
C ASN B 232 -27.64 25.34 4.08
N GLY B 233 -27.93 26.27 4.98
CA GLY B 233 -29.15 26.18 5.77
C GLY B 233 -29.38 27.42 6.61
N ALA B 234 -30.66 27.70 6.85
CA ALA B 234 -31.09 28.74 7.79
C ALA B 234 -30.36 28.61 9.12
N ASN B 235 -30.22 27.37 9.59
CA ASN B 235 -29.46 27.05 10.80
C ASN B 235 -28.78 25.69 10.70
N GLU B 236 -27.97 25.34 11.70
CA GLU B 236 -27.23 24.07 11.75
C GLU B 236 -28.10 22.90 11.28
N PHE B 237 -29.24 22.70 11.95
CA PHE B 237 -30.19 21.65 11.61
C PHE B 237 -30.54 21.61 10.12
N ASP B 238 -30.90 22.74 9.52
CA ASP B 238 -31.20 22.78 8.08
C ASP B 238 -30.01 22.43 7.22
N ILE B 239 -28.80 22.71 7.70
CA ILE B 239 -27.58 22.34 6.99
C ILE B 239 -27.42 20.83 7.00
N LEU B 240 -27.60 20.24 8.18
CA LEU B 240 -27.41 18.83 8.37
C LEU B 240 -28.32 18.00 7.48
N LYS B 241 -29.58 18.44 7.36
CA LYS B 241 -30.55 17.75 6.52
C LYS B 241 -30.10 17.82 5.10
N LYS B 242 -29.73 19.03 4.67
CA LYS B 242 -29.23 19.25 3.31
C LYS B 242 -28.05 18.32 3.04
N VAL B 243 -27.14 18.26 4.02
CA VAL B 243 -25.95 17.44 3.93
C VAL B 243 -26.32 15.99 3.80
N GLU B 244 -27.06 15.48 4.77
CA GLU B 244 -27.38 14.05 4.80
C GLU B 244 -28.10 13.57 3.55
N LYS B 245 -28.91 14.43 2.95
CA LYS B 245 -29.57 14.09 1.68
C LYS B 245 -28.55 14.04 0.52
N GLY B 246 -27.46 14.81 0.66
CA GLY B 246 -26.23 14.55 -0.09
C GLY B 246 -26.04 15.37 -1.35
N LYS B 247 -27.13 15.80 -1.96
CA LYS B 247 -27.04 16.46 -3.26
C LYS B 247 -26.57 17.90 -3.14
N PHE B 248 -25.60 18.24 -3.98
CA PHE B 248 -25.12 19.62 -4.12
C PHE B 248 -25.07 19.92 -5.62
N THR B 249 -24.69 21.16 -5.94
CA THR B 249 -24.73 21.62 -7.31
C THR B 249 -23.67 22.67 -7.54
N PHE B 250 -23.13 22.70 -8.76
CA PHE B 250 -22.23 23.74 -9.23
C PHE B 250 -23.01 24.83 -9.97
N ASP B 251 -24.22 25.11 -9.51
CA ASP B 251 -25.20 25.93 -10.25
C ASP B 251 -25.01 27.43 -10.12
N LEU B 252 -24.06 27.84 -9.29
CA LEU B 252 -23.82 29.26 -9.04
C LEU B 252 -23.09 29.93 -10.24
N PRO B 253 -23.31 31.24 -10.48
CA PRO B 253 -22.66 31.84 -11.67
C PRO B 253 -21.14 31.82 -11.54
N GLN B 254 -20.64 32.10 -10.33
CA GLN B 254 -19.23 31.87 -9.95
C GLN B 254 -18.53 30.70 -10.63
N TRP B 255 -19.22 29.57 -10.75
CA TRP B 255 -18.62 28.35 -11.28
C TRP B 255 -18.35 28.35 -12.79
N LYS B 256 -19.00 29.24 -13.54
CA LYS B 256 -18.76 29.33 -14.99
C LYS B 256 -17.29 29.52 -15.30
N LYS B 257 -16.63 30.33 -14.49
CA LYS B 257 -15.22 30.61 -14.73
C LYS B 257 -14.32 29.41 -14.41
N VAL B 258 -14.72 28.53 -13.49
CA VAL B 258 -13.79 27.49 -12.99
C VAL B 258 -13.75 26.23 -13.83
N SER B 259 -12.55 25.67 -13.97
CA SER B 259 -12.30 24.57 -14.91
C SER B 259 -12.94 23.26 -14.46
N GLU B 260 -13.27 22.43 -15.43
CA GLU B 260 -13.98 21.17 -15.19
C GLU B 260 -13.26 20.23 -14.25
N PRO B 261 -11.94 20.05 -14.43
CA PRO B 261 -11.33 19.06 -13.55
C PRO B 261 -11.62 19.46 -12.10
N ALA B 262 -11.28 20.69 -11.74
CA ALA B 262 -11.44 21.15 -10.35
C ALA B 262 -12.78 20.70 -9.81
N LYS B 263 -13.80 20.83 -10.66
CA LYS B 263 -15.11 20.31 -10.36
C LYS B 263 -15.06 18.80 -10.18
N ASP B 264 -14.36 18.15 -11.11
CA ASP B 264 -14.18 16.70 -11.09
C ASP B 264 -13.59 16.24 -9.75
N LEU B 265 -12.54 16.92 -9.29
CA LEU B 265 -11.97 16.62 -8.01
C LEU B 265 -12.99 16.80 -6.89
N ILE B 266 -13.67 17.93 -6.92
CA ILE B 266 -14.68 18.23 -5.94
C ILE B 266 -15.68 17.09 -5.87
N ARG B 267 -16.15 16.65 -7.03
CA ARG B 267 -17.15 15.59 -7.08
C ARG B 267 -16.59 14.29 -6.51
N LYS B 268 -15.33 13.96 -6.82
CA LYS B 268 -14.69 12.75 -6.29
C LYS B 268 -14.46 12.82 -4.78
N MET B 269 -14.30 14.02 -4.25
CA MET B 269 -14.08 14.17 -2.83
C MET B 269 -15.42 14.17 -2.08
N LEU B 270 -16.47 14.59 -2.75
CA LEU B 270 -17.81 14.55 -2.16
C LEU B 270 -18.68 13.40 -2.72
N ALA B 271 -18.03 12.28 -3.03
CA ALA B 271 -18.74 11.08 -3.32
C ALA B 271 -19.46 10.70 -2.05
N TYR B 272 -20.75 10.48 -2.16
CA TYR B 272 -21.58 10.29 -0.99
C TYR B 272 -21.06 9.14 -0.12
N VAL B 273 -20.91 7.97 -0.73
CA VAL B 273 -20.50 6.78 0.03
C VAL B 273 -18.98 6.75 0.16
N PRO B 274 -18.49 6.58 1.39
CA PRO B 274 -17.05 6.54 1.63
C PRO B 274 -16.28 5.60 0.72
N THR B 275 -16.79 4.40 0.47
CA THR B 275 -16.15 3.44 -0.44
C THR B 275 -15.82 4.01 -1.81
N MET B 276 -16.70 4.86 -2.33
CA MET B 276 -16.49 5.44 -3.63
C MET B 276 -15.86 6.81 -3.60
N ARG B 277 -15.51 7.30 -2.44
CA ARG B 277 -14.92 8.61 -2.36
C ARG B 277 -13.42 8.46 -2.44
N ILE B 278 -12.78 9.40 -3.14
CA ILE B 278 -11.33 9.34 -3.37
C ILE B 278 -10.52 9.43 -2.08
N SER B 279 -9.45 8.67 -2.00
CA SER B 279 -8.57 8.78 -0.84
C SER B 279 -7.72 10.01 -1.00
N ALA B 280 -7.06 10.42 0.08
CA ALA B 280 -6.21 11.61 0.05
C ALA B 280 -5.06 11.35 -0.91
N ARG B 281 -4.38 10.23 -0.72
CA ARG B 281 -3.26 9.84 -1.57
C ARG B 281 -3.57 10.03 -3.03
N ASP B 282 -4.73 9.53 -3.44
CA ASP B 282 -5.11 9.50 -4.85
C ASP B 282 -5.60 10.86 -5.29
N ALA B 283 -6.22 11.61 -4.39
CA ALA B 283 -6.69 12.95 -4.70
C ALA B 283 -5.51 13.84 -5.03
N LEU B 284 -4.41 13.60 -4.33
CA LEU B 284 -3.16 14.30 -4.57
C LEU B 284 -2.71 14.22 -6.02
N GLU B 285 -3.06 13.13 -6.69
CA GLU B 285 -2.64 12.91 -8.05
C GLU B 285 -3.59 13.49 -9.06
N HIS B 286 -4.72 14.05 -8.61
CA HIS B 286 -5.64 14.68 -9.54
C HIS B 286 -4.87 15.71 -10.39
N GLU B 287 -5.13 15.65 -11.69
CA GLU B 287 -4.49 16.48 -12.69
C GLU B 287 -4.48 17.98 -12.38
N TRP B 288 -5.54 18.45 -11.75
CA TRP B 288 -5.67 19.86 -11.38
C TRP B 288 -4.54 20.27 -10.46
N LEU B 289 -4.39 19.50 -9.39
CA LEU B 289 -3.27 19.66 -8.49
C LEU B 289 -1.99 19.47 -9.30
N LYS B 290 -1.99 18.42 -10.12
CA LYS B 290 -0.92 18.14 -11.09
C LYS B 290 -0.74 19.27 -12.09
N THR B 291 -1.86 19.74 -12.64
CA THR B 291 -1.81 20.62 -13.82
C THR B 291 -1.63 22.08 -13.44
N THR B 292 -1.90 22.42 -12.17
CA THR B 292 -1.79 23.81 -11.72
C THR B 292 -0.36 24.38 -11.83
N ASP B 293 0.67 23.53 -11.72
CA ASP B 293 2.06 24.01 -11.98
C ASP B 293 2.44 24.04 -13.50
N ALA B 294 2.74 25.24 -14.00
CA ALA B 294 3.08 25.48 -15.42
C ALA B 294 4.40 24.78 -15.74
N ALA B 295 5.29 24.81 -14.77
CA ALA B 295 6.46 23.95 -14.75
C ALA B 295 6.71 23.82 -13.27
N THR B 296 7.49 22.82 -12.86
CA THR B 296 7.85 22.69 -11.45
C THR B 296 8.24 24.10 -11.00
N ASP B 297 7.56 24.63 -9.98
CA ASP B 297 7.81 26.01 -9.57
C ASP B 297 9.28 26.04 -9.17
N SER B 298 10.05 26.94 -9.79
CA SER B 298 11.49 27.00 -9.61
C SER B 298 11.90 27.45 -8.20
N ILE B 299 12.96 26.82 -7.71
CA ILE B 299 13.65 27.20 -6.48
C ILE B 299 15.01 27.70 -6.92
N ASP B 300 15.67 28.43 -6.03
CA ASP B 300 17.06 28.78 -6.26
C ASP B 300 17.80 27.46 -6.29
N VAL B 301 18.28 27.08 -7.46
CA VAL B 301 19.09 25.88 -7.59
C VAL B 301 20.17 25.90 -6.50
N PRO B 302 20.76 27.06 -6.20
CA PRO B 302 21.77 27.07 -5.14
C PRO B 302 21.25 26.47 -3.85
N SER B 303 20.06 26.89 -3.42
CA SER B 303 19.42 26.33 -2.23
C SER B 303 19.34 24.80 -2.33
N LEU B 304 18.90 24.32 -3.49
CA LEU B 304 18.73 22.91 -3.72
C LEU B 304 20.08 22.20 -3.72
N GLU B 305 21.03 22.80 -4.44
CA GLU B 305 22.39 22.26 -4.47
C GLU B 305 22.97 22.13 -3.04
N SER B 306 22.85 23.18 -2.25
CA SER B 306 23.48 23.17 -0.93
C SER B 306 22.82 22.17 0.01
N THR B 307 21.51 22.04 -0.07
CA THR B 307 20.82 21.06 0.78
C THR B 307 21.21 19.66 0.37
N ILE B 308 21.24 19.36 -0.92
CA ILE B 308 21.72 18.08 -1.41
C ILE B 308 23.16 17.85 -0.99
N LEU B 309 23.96 18.90 -0.98
CA LEU B 309 25.34 18.78 -0.52
C LEU B 309 25.48 18.61 0.99
N ASN B 310 24.71 19.35 1.77
CA ASN B 310 24.69 19.16 3.21
C ASN B 310 24.20 17.78 3.63
N ILE B 311 23.39 17.14 2.80
CA ILE B 311 22.89 15.82 3.10
C ILE B 311 23.86 14.72 2.81
N ARG B 312 24.70 14.95 1.81
CA ARG B 312 25.63 13.93 1.44
C ARG B 312 26.60 13.83 2.54
N GLN B 313 27.03 14.97 3.01
CA GLN B 313 28.06 15.01 4.00
C GLN B 313 27.44 15.06 5.38
N PHE B 314 26.75 14.01 5.76
CA PHE B 314 26.29 13.90 7.09
C PHE B 314 26.76 12.53 7.34
N GLN B 315 27.93 12.42 7.95
CA GLN B 315 28.49 11.10 8.21
C GLN B 315 27.62 10.44 9.26
N GLY B 316 27.45 9.12 9.16
CA GLY B 316 26.71 8.37 10.16
C GLY B 316 27.36 8.61 11.50
N THR B 317 26.62 8.46 12.59
CA THR B 317 27.13 8.96 13.84
C THR B 317 26.57 8.21 15.05
N GLN B 318 27.32 8.27 16.15
CA GLN B 318 26.91 7.68 17.41
C GLN B 318 25.62 8.29 17.93
N LYS B 319 24.95 7.56 18.83
CA LYS B 319 23.59 7.91 19.21
C LYS B 319 23.45 9.22 19.97
N LEU B 320 24.41 9.55 20.82
CA LEU B 320 24.34 10.81 21.53
C LEU B 320 24.27 11.96 20.56
N ALA B 321 25.12 11.97 19.55
CA ALA B 321 25.10 13.09 18.59
C ALA B 321 23.81 13.09 17.77
N ALA B 322 23.36 11.90 17.37
CA ALA B 322 22.15 11.77 16.59
C ALA B 322 20.97 12.39 17.31
N ALA B 323 20.76 11.98 18.57
CA ALA B 323 19.65 12.51 19.36
C ALA B 323 19.78 14.01 19.48
N ALA B 324 21.00 14.44 19.77
CA ALA B 324 21.31 15.84 19.99
C ALA B 324 20.90 16.67 18.81
N LEU B 325 21.31 16.21 17.64
CA LEU B 325 21.04 16.92 16.41
C LEU B 325 19.55 16.90 16.08
N LEU B 326 18.92 15.75 16.28
CA LEU B 326 17.51 15.65 15.94
C LEU B 326 16.74 16.59 16.84
N TYR B 327 17.12 16.64 18.10
CA TYR B 327 16.51 17.60 19.02
C TYR B 327 16.64 19.01 18.53
N MET B 328 17.87 19.34 18.13
CA MET B 328 18.17 20.70 17.70
C MET B 328 17.42 21.02 16.41
N GLY B 329 17.43 20.06 15.48
CA GLY B 329 16.71 20.24 14.23
C GLY B 329 15.22 20.38 14.47
N SER B 330 14.66 19.40 15.16
CA SER B 330 13.19 19.28 15.26
C SER B 330 12.59 20.34 16.18
N LYS B 331 13.32 20.74 17.22
CA LYS B 331 12.76 21.52 18.30
C LYS B 331 13.23 22.97 18.43
N LEU B 332 14.44 23.27 17.95
CA LEU B 332 15.08 24.56 18.19
C LEU B 332 15.23 25.43 16.94
N THR B 333 14.48 25.12 15.89
CA THR B 333 14.63 25.85 14.64
C THR B 333 13.40 26.65 14.39
N THR B 334 13.57 27.94 14.15
CA THR B 334 12.46 28.84 13.84
C THR B 334 11.95 28.58 12.42
N ASN B 335 10.66 28.73 12.16
CA ASN B 335 10.12 28.48 10.83
C ASN B 335 10.86 29.34 9.84
N GLU B 336 10.86 30.64 10.09
CA GLU B 336 11.59 31.54 9.24
C GLU B 336 12.84 30.83 8.71
N GLU B 337 13.56 30.14 9.61
CA GLU B 337 14.82 29.44 9.26
C GLU B 337 14.68 28.28 8.30
N THR B 338 13.59 27.57 8.37
CA THR B 338 13.45 26.40 7.54
C THR B 338 12.50 26.56 6.39
N VAL B 339 12.13 27.78 6.06
CA VAL B 339 11.13 27.99 5.08
C VAL B 339 11.53 27.43 3.75
N GLU B 340 12.74 27.70 3.31
CA GLU B 340 13.12 27.22 2.01
C GLU B 340 13.25 25.73 2.04
N LEU B 341 13.72 25.16 3.13
CA LEU B 341 13.92 23.72 3.20
C LEU B 341 12.65 22.95 3.09
N ASN B 342 11.60 23.39 3.75
CA ASN B 342 10.43 22.56 3.67
C ASN B 342 9.96 22.51 2.23
N LYS B 343 10.15 23.58 1.49
CA LYS B 343 9.72 23.60 0.11
C LYS B 343 10.33 22.46 -0.65
N ILE B 344 11.64 22.34 -0.56
CA ILE B 344 12.34 21.31 -1.29
C ILE B 344 11.82 19.97 -0.89
N PHE B 345 11.59 19.81 0.41
CA PHE B 345 11.11 18.54 0.90
C PHE B 345 9.82 18.11 0.23
N GLN B 346 8.88 19.06 0.20
CA GLN B 346 7.55 18.83 -0.33
C GLN B 346 7.67 18.45 -1.79
N ARG B 347 8.50 19.19 -2.50
CA ARG B 347 8.75 18.94 -3.91
C ARG B 347 9.38 17.54 -4.11
N MET B 348 10.32 17.20 -3.24
CA MET B 348 10.95 15.89 -3.27
C MET B 348 9.96 14.77 -3.01
N ASP B 349 8.94 15.07 -2.20
CA ASP B 349 8.01 14.04 -1.77
C ASP B 349 6.82 13.98 -2.69
N LYS B 350 7.00 13.26 -3.81
CA LYS B 350 6.00 13.18 -4.87
C LYS B 350 4.73 12.59 -4.32
N ASN B 351 4.85 11.44 -3.68
CA ASN B 351 3.65 10.71 -3.29
C ASN B 351 3.00 11.29 -2.06
N GLY B 352 3.46 12.46 -1.61
CA GLY B 352 2.74 13.23 -0.59
C GLY B 352 2.77 12.77 0.86
N ASP B 353 3.04 11.49 1.08
CA ASP B 353 2.93 10.90 2.41
C ASP B 353 3.85 11.50 3.52
N GLY B 354 4.59 12.58 3.19
CA GLY B 354 5.46 13.26 4.13
C GLY B 354 6.71 12.48 4.52
N GLN B 355 7.12 11.52 3.69
CA GLN B 355 8.38 10.80 3.90
C GLN B 355 9.16 10.83 2.64
N LEU B 356 10.47 10.81 2.76
CA LEU B 356 11.30 10.61 1.61
C LEU B 356 11.69 9.14 1.59
N ASP B 357 11.56 8.50 0.43
CA ASP B 357 12.03 7.12 0.27
C ASP B 357 13.21 7.09 -0.71
N LYS B 358 13.83 5.92 -0.86
CA LYS B 358 14.96 5.79 -1.77
C LYS B 358 14.66 6.38 -3.12
N GLN B 359 13.52 6.05 -3.71
CA GLN B 359 13.20 6.49 -5.06
C GLN B 359 13.03 8.00 -5.18
N GLU B 360 12.38 8.57 -4.19
CA GLU B 360 12.11 9.98 -4.18
C GLU B 360 13.39 10.74 -3.98
N LEU B 361 14.31 10.17 -3.20
CA LEU B 361 15.60 10.81 -2.95
C LEU B 361 16.43 10.74 -4.21
N MET B 362 16.38 9.59 -4.84
CA MET B 362 17.22 9.34 -5.99
C MET B 362 16.81 10.24 -7.15
N GLU B 363 15.50 10.38 -7.34
CA GLU B 363 14.97 11.26 -8.36
C GLU B 363 15.31 12.70 -8.07
N GLY B 364 15.33 13.08 -6.79
CA GLY B 364 15.71 14.43 -6.39
C GLY B 364 17.08 14.80 -6.91
N TYR B 365 18.06 13.95 -6.60
CA TYR B 365 19.40 14.17 -7.12
C TYR B 365 19.38 14.27 -8.65
N VAL B 366 18.63 13.39 -9.32
CA VAL B 366 18.57 13.44 -10.79
C VAL B 366 18.00 14.79 -11.20
N GLU B 367 16.79 15.02 -10.75
CA GLU B 367 16.15 16.28 -10.96
C GLU B 367 17.19 17.38 -10.93
N LEU B 368 17.98 17.41 -9.87
CA LEU B 368 19.01 18.42 -9.72
C LEU B 368 20.00 18.38 -10.87
N MET B 369 20.48 17.19 -11.22
CA MET B 369 21.42 17.02 -12.33
C MET B 369 20.90 17.62 -13.61
N LYS B 370 19.66 17.26 -13.96
CA LYS B 370 18.97 17.82 -15.12
C LYS B 370 19.09 19.36 -15.17
N LEU B 371 18.75 19.99 -14.05
CA LEU B 371 18.76 21.45 -13.93
C LEU B 371 20.17 22.04 -14.09
N LYS B 372 21.16 21.33 -13.55
CA LYS B 372 22.55 21.72 -13.77
C LYS B 372 23.01 21.43 -15.20
N GLY B 373 22.08 21.03 -16.06
CA GLY B 373 22.38 20.82 -17.46
C GLY B 373 23.05 19.52 -17.84
N GLU B 374 23.28 18.62 -16.90
CA GLU B 374 23.92 17.36 -17.26
C GLU B 374 22.88 16.47 -17.88
N ASP B 375 23.30 15.36 -18.49
CA ASP B 375 22.32 14.47 -19.10
C ASP B 375 22.08 13.18 -18.34
N VAL B 376 20.80 12.90 -18.16
CA VAL B 376 20.37 11.79 -17.37
C VAL B 376 20.93 10.51 -17.91
N SER B 377 21.02 10.43 -19.22
CA SER B 377 21.56 9.24 -19.83
C SER B 377 22.96 9.03 -19.31
N ALA B 378 23.68 10.13 -19.14
CA ALA B 378 25.08 10.05 -18.75
C ALA B 378 25.31 9.45 -17.38
N LEU B 379 24.38 9.65 -16.47
CA LEU B 379 24.60 9.24 -15.07
C LEU B 379 24.69 7.74 -14.82
N ASP B 380 25.57 7.36 -13.90
CA ASP B 380 25.74 6.00 -13.53
C ASP B 380 24.74 5.78 -12.45
N GLN B 381 23.62 5.19 -12.79
CA GLN B 381 22.55 5.01 -11.83
C GLN B 381 22.96 4.09 -10.67
N SER B 382 23.65 3.01 -10.99
CA SER B 382 23.95 2.06 -9.96
C SER B 382 24.80 2.70 -8.90
N ALA B 383 25.50 3.78 -9.23
CA ALA B 383 26.37 4.46 -8.25
C ALA B 383 25.60 5.43 -7.41
N ILE B 384 24.67 6.14 -8.01
CA ILE B 384 23.78 7.05 -7.26
C ILE B 384 23.03 6.28 -6.20
N GLU B 385 22.41 5.20 -6.68
CA GLU B 385 21.59 4.33 -5.87
C GLU B 385 22.32 3.97 -4.61
N PHE B 386 23.59 3.62 -4.77
CA PHE B 386 24.43 3.25 -3.66
C PHE B 386 24.64 4.40 -2.72
N GLU B 387 24.94 5.56 -3.29
CA GLU B 387 25.16 6.75 -2.49
C GLU B 387 23.89 7.04 -1.71
N VAL B 388 22.74 6.94 -2.39
CA VAL B 388 21.41 7.16 -1.79
C VAL B 388 21.08 6.16 -0.67
N GLU B 389 21.48 4.90 -0.87
CA GLU B 389 21.29 3.86 0.15
C GLU B 389 22.01 4.28 1.39
N GLN B 390 23.18 4.87 1.21
CA GLN B 390 24.03 5.26 2.34
C GLN B 390 23.59 6.53 3.01
N VAL B 391 23.05 7.47 2.27
CA VAL B 391 22.51 8.67 2.84
C VAL B 391 21.37 8.31 3.77
N LEU B 392 20.47 7.47 3.26
CA LEU B 392 19.35 7.00 4.04
C LEU B 392 19.84 6.34 5.33
N ASP B 393 20.85 5.49 5.24
CA ASP B 393 21.40 4.85 6.43
C ASP B 393 21.86 5.92 7.43
N ALA B 394 22.50 6.96 6.93
CA ALA B 394 23.08 7.99 7.77
C ALA B 394 22.05 8.90 8.41
N VAL B 395 21.06 9.33 7.62
CA VAL B 395 20.13 10.34 8.06
C VAL B 395 18.89 9.75 8.74
N ASP B 396 18.56 8.48 8.48
CA ASP B 396 17.35 7.87 9.03
C ASP B 396 17.46 7.66 10.54
N PHE B 397 17.27 8.73 11.30
CA PHE B 397 17.45 8.67 12.75
C PHE B 397 16.54 7.68 13.47
N ASP B 398 15.33 7.43 12.97
CA ASP B 398 14.46 6.47 13.67
C ASP B 398 14.47 5.11 13.05
N LYS B 399 15.32 4.93 12.04
CA LYS B 399 15.63 3.61 11.49
C LYS B 399 14.39 2.87 11.00
N ASN B 400 13.50 3.60 10.36
CA ASN B 400 12.28 3.04 9.81
C ASN B 400 12.40 2.91 8.33
N GLY B 401 13.58 3.20 7.79
CA GLY B 401 13.83 3.15 6.35
C GLY B 401 13.31 4.35 5.59
N PHE B 402 12.92 5.41 6.29
CA PHE B 402 12.42 6.59 5.61
C PHE B 402 13.08 7.80 6.22
N ILE B 403 13.24 8.84 5.40
CA ILE B 403 13.69 10.12 5.91
C ILE B 403 12.51 11.00 6.11
N GLU B 404 12.22 11.31 7.36
CA GLU B 404 11.08 12.14 7.72
C GLU B 404 11.47 13.60 7.74
N TYR B 405 10.48 14.48 7.71
CA TYR B 405 10.77 15.90 7.65
C TYR B 405 11.70 16.44 8.74
N SER B 406 11.56 16.00 9.98
CA SER B 406 12.46 16.50 11.03
C SER B 406 13.89 16.07 10.76
N GLU B 407 14.02 14.80 10.39
CA GLU B 407 15.31 14.21 10.02
C GLU B 407 15.93 15.03 8.89
N PHE B 408 15.11 15.32 7.89
CA PHE B 408 15.51 16.13 6.73
C PHE B 408 16.09 17.49 7.16
N VAL B 409 15.34 18.20 8.00
CA VAL B 409 15.74 19.54 8.37
C VAL B 409 17.02 19.49 9.19
N THR B 410 17.08 18.58 10.16
CA THR B 410 18.29 18.36 10.95
C THR B 410 19.52 18.36 10.06
N VAL B 411 19.42 17.58 8.99
CA VAL B 411 20.58 17.22 8.20
C VAL B 411 20.80 18.17 7.04
N ALA B 412 19.74 18.79 6.53
CA ALA B 412 19.86 19.68 5.36
C ALA B 412 20.26 21.08 5.73
N MET B 413 20.06 21.45 6.98
CA MET B 413 20.35 22.81 7.39
C MET B 413 21.85 22.98 7.48
N ASP B 414 22.32 24.19 7.21
CA ASP B 414 23.73 24.48 7.38
C ASP B 414 24.14 24.25 8.85
N ARG B 415 25.12 23.38 9.07
CA ARG B 415 25.54 22.96 10.41
C ARG B 415 25.90 24.14 11.27
N LYS B 416 26.63 25.09 10.67
CA LYS B 416 27.11 26.29 11.36
C LYS B 416 25.93 27.12 11.85
N THR B 417 24.92 27.24 11.01
CA THR B 417 23.72 27.96 11.37
C THR B 417 22.96 27.24 12.48
N LEU B 418 22.80 25.93 12.31
CA LEU B 418 22.05 25.14 13.27
C LEU B 418 22.74 25.13 14.62
N LEU B 419 24.05 24.87 14.62
CA LEU B 419 24.84 24.78 15.86
C LEU B 419 25.15 26.14 16.44
N SER B 420 24.13 26.99 16.55
CA SER B 420 24.26 28.27 17.23
C SER B 420 24.51 27.96 18.71
N ARG B 421 25.08 28.93 19.44
CA ARG B 421 25.47 28.74 20.83
C ARG B 421 24.26 28.50 21.74
N GLN B 422 23.19 29.29 21.53
CA GLN B 422 21.95 29.15 22.31
C GLN B 422 21.44 27.73 22.21
N ARG B 423 21.30 27.28 20.96
CA ARG B 423 20.85 25.95 20.61
C ARG B 423 21.67 24.91 21.37
N LEU B 424 22.99 25.04 21.25
CA LEU B 424 23.96 24.16 21.92
C LEU B 424 23.77 24.08 23.41
N GLU B 425 23.68 25.26 24.04
CA GLU B 425 23.51 25.36 25.48
C GLU B 425 22.29 24.58 25.84
N ARG B 426 21.17 25.03 25.27
CA ARG B 426 19.85 24.48 25.56
C ARG B 426 19.83 22.96 25.38
N ALA B 427 20.44 22.48 24.30
CA ALA B 427 20.50 21.04 24.01
C ALA B 427 21.11 20.26 25.15
N PHE B 428 22.30 20.66 25.56
CA PHE B 428 22.99 20.02 26.69
C PHE B 428 22.10 19.97 27.92
N GLY B 429 21.50 21.12 28.21
CA GLY B 429 20.52 21.28 29.28
C GLY B 429 19.49 20.17 29.33
N MET B 430 18.90 19.85 28.17
CA MET B 430 17.85 18.83 28.06
C MET B 430 18.38 17.43 28.41
N PHE B 431 19.60 17.14 27.99
CA PHE B 431 20.19 15.82 28.24
C PHE B 431 20.54 15.68 29.70
N ASP B 432 21.19 16.71 30.23
CA ASP B 432 21.73 16.67 31.60
C ASP B 432 20.63 16.99 32.62
N ALA B 433 19.76 16.00 32.86
CA ALA B 433 18.56 16.19 33.68
C ALA B 433 18.83 16.51 35.15
N ASP B 434 19.86 15.89 35.73
CA ASP B 434 20.25 16.12 37.12
C ASP B 434 21.02 17.42 37.31
N GLY B 435 21.20 18.20 36.25
CA GLY B 435 21.96 19.45 36.31
C GLY B 435 23.42 19.31 36.71
N SER B 436 23.93 18.08 36.73
CA SER B 436 25.30 17.79 37.22
C SER B 436 26.40 18.39 36.35
N GLY B 437 26.01 18.94 35.21
CA GLY B 437 26.96 19.41 34.22
C GLY B 437 27.59 18.28 33.43
N LYS B 438 27.09 17.06 33.60
CA LYS B 438 27.70 15.87 32.98
C LYS B 438 26.62 14.83 32.58
N ILE B 439 26.69 14.40 31.32
CA ILE B 439 25.71 13.49 30.75
C ILE B 439 26.06 12.03 31.03
N SER B 440 25.19 11.36 31.77
CA SER B 440 25.31 9.92 32.07
C SER B 440 24.56 9.08 31.05
N SER B 441 25.02 7.86 30.84
CA SER B 441 24.33 6.92 29.97
C SER B 441 22.86 6.74 30.42
N SER B 442 22.62 6.79 31.73
CA SER B 442 21.27 6.74 32.27
C SER B 442 20.44 7.91 31.76
N GLU B 443 21.01 9.11 31.82
CA GLU B 443 20.38 10.31 31.25
C GLU B 443 20.14 10.17 29.74
N LEU B 444 21.07 9.52 29.06
CA LEU B 444 20.92 9.25 27.64
C LEU B 444 19.71 8.31 27.43
N ALA B 445 19.69 7.22 28.20
CA ALA B 445 18.62 6.24 28.07
C ALA B 445 17.29 6.93 28.28
N THR B 446 17.23 7.80 29.28
CA THR B 446 16.02 8.52 29.63
C THR B 446 15.54 9.35 28.46
N ILE B 447 16.46 10.05 27.82
CA ILE B 447 16.04 10.93 26.73
C ILE B 447 15.52 10.10 25.58
N PHE B 448 16.15 8.96 25.35
CA PHE B 448 15.71 8.03 24.29
C PHE B 448 14.38 7.34 24.56
N GLY B 449 14.03 7.20 25.83
CA GLY B 449 12.75 6.68 26.23
C GLY B 449 12.85 5.21 26.50
N VAL B 450 14.01 4.78 26.97
CA VAL B 450 14.33 3.36 27.07
C VAL B 450 14.98 3.10 28.44
N SER B 451 14.85 1.87 28.91
CA SER B 451 15.24 1.49 30.27
C SER B 451 16.71 1.68 30.56
N GLU B 452 17.54 1.39 29.57
CA GLU B 452 18.99 1.53 29.70
C GLU B 452 19.60 1.56 28.31
N VAL B 453 20.81 2.11 28.20
CA VAL B 453 21.51 2.18 26.92
C VAL B 453 22.54 1.03 26.84
N ASP B 454 22.59 0.34 25.70
CA ASP B 454 23.55 -0.77 25.51
C ASP B 454 24.95 -0.33 25.81
N SER B 455 25.62 -1.09 26.64
CA SER B 455 27.05 -0.92 26.89
C SER B 455 27.80 -0.69 25.57
N GLU B 456 27.34 -1.40 24.53
CA GLU B 456 27.75 -1.21 23.13
C GLU B 456 27.79 0.24 22.69
N THR B 457 26.63 0.85 22.80
CA THR B 457 26.39 2.17 22.28
C THR B 457 27.09 3.24 23.12
N TRP B 458 27.14 3.02 24.43
CA TRP B 458 27.80 3.95 25.35
C TRP B 458 29.29 3.94 25.06
N ARG B 459 29.87 2.75 24.96
CA ARG B 459 31.27 2.60 24.58
C ARG B 459 31.55 3.38 23.31
N ARG B 460 30.78 3.06 22.27
CA ARG B 460 30.96 3.70 20.96
C ARG B 460 30.77 5.21 20.96
N VAL B 461 30.40 5.82 22.08
CA VAL B 461 30.16 7.24 22.14
C VAL B 461 31.22 7.94 22.95
N LEU B 462 31.71 7.28 23.98
CA LEU B 462 32.71 7.87 24.87
C LEU B 462 34.01 7.91 24.10
N ALA B 463 34.43 6.77 23.57
CA ALA B 463 35.69 6.74 22.83
C ALA B 463 35.78 7.84 21.76
N GLU B 464 34.63 8.38 21.34
CA GLU B 464 34.60 9.53 20.44
C GLU B 464 34.32 10.91 21.09
N VAL B 465 33.99 10.98 22.38
CA VAL B 465 33.69 12.28 23.03
C VAL B 465 34.33 12.55 24.40
N ASP B 466 34.57 11.51 25.19
CA ASP B 466 35.02 11.68 26.57
C ASP B 466 36.53 11.92 26.58
N ARG B 467 36.95 13.15 26.33
CA ARG B 467 38.35 13.48 26.43
C ARG B 467 38.86 13.10 27.84
N ASN B 468 38.38 13.82 28.85
CA ASN B 468 38.97 13.63 30.18
C ASN B 468 38.87 12.19 30.66
N ASN B 469 37.83 11.49 30.24
CA ASN B 469 37.69 10.10 30.60
C ASN B 469 37.15 9.89 31.99
N ASP B 470 36.26 10.79 32.41
CA ASP B 470 35.51 10.64 33.66
C ASP B 470 34.29 9.73 33.51
N GLY B 471 34.06 9.16 32.32
CA GLY B 471 32.93 8.28 32.04
C GLY B 471 31.63 8.97 31.68
N GLU B 472 31.70 10.28 31.45
CA GLU B 472 30.54 11.12 31.14
C GLU B 472 30.91 12.27 30.18
N VAL B 473 29.89 12.93 29.63
CA VAL B 473 30.06 14.02 28.68
C VAL B 473 29.64 15.36 29.26
N ASP B 474 30.57 16.29 29.35
CA ASP B 474 30.32 17.66 29.83
C ASP B 474 30.07 18.62 28.69
N PHE B 475 29.73 19.87 29.01
CA PHE B 475 29.28 20.86 28.00
C PHE B 475 30.30 21.17 26.91
N GLU B 476 31.60 21.01 27.21
CA GLU B 476 32.62 21.32 26.22
C GLU B 476 32.95 20.08 25.39
N GLU B 477 33.03 18.92 26.05
CA GLU B 477 33.09 17.63 25.35
C GLU B 477 31.94 17.53 24.35
N PHE B 478 30.73 17.87 24.81
CA PHE B 478 29.53 17.96 23.97
C PHE B 478 29.75 18.87 22.76
N ARG B 479 30.15 20.11 23.04
CA ARG B 479 30.39 21.13 22.02
C ARG B 479 31.27 20.57 20.90
N GLN B 480 32.47 20.13 21.27
CA GLN B 480 33.46 19.64 20.30
C GLN B 480 32.92 18.53 19.42
N MET B 481 32.19 17.61 20.04
CA MET B 481 31.64 16.44 19.36
C MET B 481 30.83 16.81 18.14
N LEU B 482 29.92 17.77 18.32
CA LEU B 482 29.04 18.28 17.25
C LEU B 482 29.76 19.25 16.34
N LEU B 483 30.55 20.11 16.98
CA LEU B 483 31.32 21.09 16.26
C LEU B 483 32.49 20.50 15.51
N LYS B 484 32.83 19.24 15.78
CA LYS B 484 33.75 18.49 14.93
C LYS B 484 33.03 18.27 13.60
N LEU B 485 32.90 19.37 12.85
CA LEU B 485 32.07 19.48 11.64
C LEU B 485 31.09 18.34 11.43
#